data_4B84
#
_entry.id   4B84
#
_cell.length_a   79.158
_cell.length_b   112.356
_cell.length_c   227.240
_cell.angle_alpha   90.00
_cell.angle_beta   90.00
_cell.angle_gamma   90.00
#
_symmetry.space_group_name_H-M   'P 21 21 21'
#
loop_
_entity.id
_entity.type
_entity.pdbx_description
1 polymer ACETYLCHOLINESTERASE
2 non-polymer 2-acetamido-2-deoxy-beta-D-glucopyranose
3 non-polymer 3,6,9,12,15-PENTAOXAHEPTADECANE
4 non-polymer 'SULFATE ION'
5 non-polymer N-[2-(diethylamino)ethyl]-3-(trifluoromethyl)benzenesulfonamide
6 non-polymer 'HEXAETHYLENE GLYCOL'
7 water water
#
_entity_poly.entity_id   1
_entity_poly.type   'polypeptide(L)'
_entity_poly.pdbx_seq_one_letter_code
;EGREDPQLLVRVRGGQLRGIRLKAPGGPVSAFLGIPFAEPPVGSRRFMPPEPKRPWSGVLDATTFQNVCYQYVDTLYPGF
EGTEMWNPNRELSEDCLYLNVWTPYPRPASPTPVLIWIYGGGFYSGAASLDVYDGRFLAQVEGAVLVSMNYRVGTFGFLA
LPGSREAPGNVGLLDQRLALQWVQENIAAFGGDPMSVTLFGESAGAASVGMHILSLPSRSLFHRAVLQSGTPNGPWATVS
AGEARRRATLLARLVGCPPGGAAANDTELIACLRTRPAQDLVDHEWHVLPQESIFRFSFVPVVDGDFLSDTPEALINTGD
FQDLQVLVGVVKDEGSYFLVYGVPGFSKDNESLISRAQFLAGVRIGVPQASDLAAEAVVLHYTDWLHPEDPTHLRDAMSA
VVGDHNVVCPVAQLAGRLAAQGARVYAYIFEHRASTLTWPLWMGVPHGYEIEFIFGLPLDPSLNYTTEERIFAQRLMKYW
TNFARTGDPNDPRDSKSPQWPPYTTAAQQYVSLNLKPLEVRRGLRAQTCAFWNRFLPKLLSATATEAP
;
_entity_poly.pdbx_strand_id   A,B
#
loop_
_chem_comp.id
_chem_comp.type
_chem_comp.name
_chem_comp.formula
NAG D-saccharide, beta linking 2-acetamido-2-deoxy-beta-D-glucopyranose 'C8 H15 N O6'
P3G non-polymer 3,6,9,12,15-PENTAOXAHEPTADECANE 'C12 H26 O5'
P6G non-polymer 'HEXAETHYLENE GLYCOL' 'C12 H26 O7'
SO4 non-polymer 'SULFATE ION' 'O4 S -2'
Z5K non-polymer N-[2-(diethylamino)ethyl]-3-(trifluoromethyl)benzenesulfonamide 'C13 H19 F3 N2 O2 S'
#
# COMPACT_ATOMS: atom_id res chain seq x y z
N GLU A 1 -19.39 -41.39 -51.88
CA GLU A 1 -20.21 -41.64 -50.71
C GLU A 1 -21.26 -42.66 -51.10
N GLY A 2 -22.07 -43.06 -50.13
CA GLY A 2 -23.16 -43.98 -50.38
C GLY A 2 -23.36 -44.99 -49.28
N ARG A 3 -22.27 -45.35 -48.60
CA ARG A 3 -22.34 -46.34 -47.54
C ARG A 3 -21.83 -45.78 -46.19
N GLU A 4 -21.41 -44.51 -46.19
CA GLU A 4 -20.96 -43.83 -44.99
C GLU A 4 -22.14 -43.33 -44.14
N ASP A 5 -21.85 -42.62 -43.06
CA ASP A 5 -22.88 -41.96 -42.25
C ASP A 5 -23.32 -40.66 -42.94
N PRO A 6 -24.59 -40.58 -43.36
CA PRO A 6 -25.05 -39.38 -44.07
C PRO A 6 -25.05 -38.16 -43.15
N GLN A 7 -24.65 -38.33 -41.90
CA GLN A 7 -24.71 -37.27 -40.91
CA GLN A 7 -24.71 -37.24 -40.93
C GLN A 7 -23.33 -36.69 -40.60
N LEU A 8 -22.32 -37.20 -41.29
CA LEU A 8 -20.93 -36.81 -41.09
C LEU A 8 -20.35 -36.26 -42.39
N LEU A 9 -21.23 -35.98 -43.35
CA LEU A 9 -20.82 -35.44 -44.64
C LEU A 9 -21.39 -34.04 -44.82
N VAL A 10 -20.50 -33.04 -44.83
CA VAL A 10 -20.86 -31.64 -44.99
C VAL A 10 -20.00 -30.99 -46.08
N ARG A 11 -20.53 -29.94 -46.70
CA ARG A 11 -19.78 -29.14 -47.67
C ARG A 11 -19.46 -27.75 -47.15
N VAL A 12 -18.26 -27.26 -47.45
CA VAL A 12 -17.86 -25.90 -47.08
C VAL A 12 -17.39 -25.15 -48.33
N ARG A 13 -17.06 -23.86 -48.20
CA ARG A 13 -16.62 -23.12 -49.38
C ARG A 13 -15.43 -23.77 -50.07
N GLY A 14 -14.62 -24.51 -49.32
CA GLY A 14 -13.45 -25.15 -49.88
C GLY A 14 -13.66 -26.54 -50.48
N GLY A 15 -14.77 -27.16 -50.14
CA GLY A 15 -15.12 -28.46 -50.68
C GLY A 15 -15.83 -29.37 -49.69
N GLN A 16 -15.89 -30.64 -50.01
CA GLN A 16 -16.60 -31.58 -49.17
C GLN A 16 -15.76 -32.09 -48.01
N LEU A 17 -16.38 -32.19 -46.83
CA LEU A 17 -15.75 -32.78 -45.66
C LEU A 17 -16.45 -34.04 -45.22
N ARG A 18 -15.68 -34.98 -44.68
CA ARG A 18 -16.23 -36.09 -43.93
C ARG A 18 -15.72 -36.03 -42.50
N GLY A 19 -16.63 -35.87 -41.55
CA GLY A 19 -16.28 -35.78 -40.16
C GLY A 19 -16.39 -37.12 -39.45
N ILE A 20 -16.40 -37.07 -38.12
CA ILE A 20 -16.41 -38.27 -37.32
C ILE A 20 -17.40 -38.17 -36.15
N ARG A 21 -18.14 -39.25 -35.91
CA ARG A 21 -19.08 -39.32 -34.81
C ARG A 21 -18.32 -39.81 -33.58
N LEU A 22 -18.16 -38.92 -32.60
CA LEU A 22 -17.42 -39.27 -31.39
C LEU A 22 -18.38 -39.62 -30.29
N LYS A 23 -17.91 -40.40 -29.31
CA LYS A 23 -18.70 -40.71 -28.13
C LYS A 23 -18.36 -39.77 -26.96
N ALA A 24 -19.39 -39.27 -26.29
CA ALA A 24 -19.20 -38.58 -25.02
C ALA A 24 -20.08 -39.24 -23.99
N PRO A 25 -19.78 -39.02 -22.72
CA PRO A 25 -20.54 -39.66 -21.64
C PRO A 25 -22.03 -39.75 -21.93
N GLY A 26 -22.61 -38.68 -22.46
CA GLY A 26 -24.05 -38.58 -22.55
C GLY A 26 -24.63 -38.93 -23.90
N GLY A 27 -23.75 -39.14 -24.88
CA GLY A 27 -24.17 -39.40 -26.25
C GLY A 27 -23.13 -39.01 -27.29
N PRO A 28 -23.45 -39.24 -28.56
CA PRO A 28 -22.58 -38.93 -29.72
C PRO A 28 -22.49 -37.45 -30.06
N VAL A 29 -21.35 -37.04 -30.62
CA VAL A 29 -21.18 -35.71 -31.15
C VAL A 29 -20.56 -35.79 -32.53
N SER A 30 -20.80 -34.77 -33.33
CA SER A 30 -20.18 -34.67 -34.64
C SER A 30 -18.87 -33.90 -34.51
N ALA A 31 -17.79 -34.44 -35.06
CA ALA A 31 -16.54 -33.72 -35.03
C ALA A 31 -15.88 -33.69 -36.40
N PHE A 32 -15.44 -32.49 -36.77
CA PHE A 32 -14.75 -32.25 -38.01
C PHE A 32 -13.39 -31.62 -37.69
N LEU A 33 -12.32 -32.30 -38.04
CA LEU A 33 -11.04 -31.99 -37.45
C LEU A 33 -10.00 -31.81 -38.53
N GLY A 34 -9.13 -30.82 -38.37
CA GLY A 34 -8.18 -30.52 -39.41
C GLY A 34 -8.79 -29.97 -40.68
N ILE A 35 -9.80 -29.12 -40.55
CA ILE A 35 -10.31 -28.38 -41.71
C ILE A 35 -9.39 -27.20 -42.06
N PRO A 36 -8.68 -27.28 -43.18
CA PRO A 36 -7.73 -26.21 -43.58
C PRO A 36 -8.44 -24.92 -43.96
N PHE A 37 -8.05 -23.79 -43.36
CA PHE A 37 -8.72 -22.53 -43.66
C PHE A 37 -7.78 -21.51 -44.29
N ALA A 38 -6.56 -21.95 -44.56
CA ALA A 38 -5.57 -21.06 -45.16
C ALA A 38 -4.56 -21.89 -45.94
N GLU A 39 -3.90 -21.28 -46.92
CA GLU A 39 -2.86 -21.98 -47.64
C GLU A 39 -1.69 -22.13 -46.70
N PRO A 40 -1.05 -23.31 -46.69
CA PRO A 40 0.06 -23.62 -45.78
C PRO A 40 1.12 -22.51 -45.79
N PRO A 41 1.35 -21.87 -44.64
CA PRO A 41 2.25 -20.72 -44.60
C PRO A 41 3.70 -21.14 -44.60
N VAL A 42 4.12 -21.88 -45.64
CA VAL A 42 5.47 -22.42 -45.71
C VAL A 42 6.33 -21.74 -46.76
N GLY A 43 7.59 -22.18 -46.84
CA GLY A 43 8.58 -21.57 -47.71
C GLY A 43 8.56 -20.06 -47.67
N SER A 44 8.40 -19.47 -48.85
CA SER A 44 8.41 -18.02 -49.05
C SER A 44 7.18 -17.29 -48.48
N ARG A 45 6.22 -18.04 -47.97
CA ARG A 45 5.12 -17.44 -47.23
C ARG A 45 5.36 -17.42 -45.72
N ARG A 46 6.50 -17.95 -45.28
CA ARG A 46 6.84 -17.88 -43.87
C ARG A 46 6.95 -16.42 -43.52
N PHE A 47 6.36 -16.04 -42.38
CA PHE A 47 6.32 -14.65 -41.89
C PHE A 47 5.24 -13.78 -42.55
N MET A 48 4.66 -14.27 -43.64
CA MET A 48 3.66 -13.52 -44.39
C MET A 48 2.27 -13.73 -43.84
N PRO A 49 1.40 -12.74 -44.07
CA PRO A 49 -0.03 -12.82 -43.75
C PRO A 49 -0.63 -14.03 -44.44
N PRO A 50 -1.60 -14.71 -43.79
CA PRO A 50 -2.14 -15.93 -44.38
C PRO A 50 -2.96 -15.66 -45.61
N GLU A 51 -2.76 -16.51 -46.62
CA GLU A 51 -3.63 -16.59 -47.79
C GLU A 51 -4.72 -17.63 -47.53
N PRO A 52 -5.97 -17.27 -47.84
CA PRO A 52 -7.15 -18.15 -47.71
C PRO A 52 -6.97 -19.46 -48.47
N LYS A 53 -7.31 -20.58 -47.84
CA LYS A 53 -7.16 -21.90 -48.46
C LYS A 53 -7.88 -22.04 -49.78
N ARG A 54 -7.22 -22.67 -50.74
CA ARG A 54 -7.78 -22.85 -52.06
C ARG A 54 -8.56 -24.16 -52.12
N PRO A 55 -9.75 -24.13 -52.73
CA PRO A 55 -10.67 -25.27 -52.76
C PRO A 55 -9.97 -26.55 -53.14
N TRP A 56 -10.42 -27.66 -52.58
CA TRP A 56 -9.86 -28.96 -52.91
C TRP A 56 -10.91 -29.80 -53.62
N SER A 57 -10.45 -30.92 -54.19
CA SER A 57 -11.35 -31.86 -54.84
C SER A 57 -11.53 -33.11 -53.98
N GLY A 58 -12.66 -33.77 -54.13
CA GLY A 58 -12.96 -34.97 -53.39
C GLY A 58 -13.42 -34.64 -51.98
N VAL A 59 -13.81 -35.65 -51.23
CA VAL A 59 -14.18 -35.47 -49.85
C VAL A 59 -12.92 -35.53 -48.99
N LEU A 60 -12.62 -34.44 -48.30
CA LEU A 60 -11.49 -34.38 -47.40
C LEU A 60 -11.82 -35.10 -46.08
N ASP A 61 -10.98 -36.06 -45.69
CA ASP A 61 -11.14 -36.72 -44.40
C ASP A 61 -10.86 -35.76 -43.26
N ALA A 62 -11.89 -35.40 -42.52
CA ALA A 62 -11.76 -34.49 -41.39
C ALA A 62 -12.00 -35.24 -40.07
N THR A 63 -11.33 -36.37 -39.91
CA THR A 63 -11.58 -37.24 -38.76
C THR A 63 -10.45 -37.26 -37.73
N THR A 64 -9.37 -36.53 -37.99
CA THR A 64 -8.25 -36.54 -37.06
C THR A 64 -7.64 -35.17 -36.93
N PHE A 65 -6.90 -34.97 -35.86
CA PHE A 65 -6.25 -33.69 -35.67
C PHE A 65 -5.10 -33.51 -36.63
N GLN A 66 -4.98 -32.29 -37.12
CA GLN A 66 -3.85 -31.85 -37.91
C GLN A 66 -2.58 -31.48 -37.11
N ASN A 67 -1.55 -31.11 -37.88
CA ASN A 67 -0.26 -30.71 -37.34
C ASN A 67 -0.34 -29.53 -36.39
N VAL A 68 0.53 -29.56 -35.39
CA VAL A 68 0.70 -28.42 -34.50
C VAL A 68 1.74 -27.46 -35.06
N CYS A 69 1.48 -26.17 -34.87
CA CYS A 69 2.31 -25.12 -35.43
C CYS A 69 3.66 -25.16 -34.76
N TYR A 70 4.73 -24.97 -35.52
CA TYR A 70 6.08 -25.16 -34.99
C TYR A 70 6.35 -24.33 -33.75
N GLN A 71 6.85 -24.99 -32.68
CA GLN A 71 7.01 -24.32 -31.39
C GLN A 71 8.04 -24.96 -30.47
N TYR A 72 8.49 -24.20 -29.48
CA TYR A 72 9.43 -24.71 -28.49
C TYR A 72 8.65 -25.68 -27.62
N VAL A 73 9.30 -26.74 -27.17
CA VAL A 73 8.62 -27.74 -26.35
C VAL A 73 9.24 -27.79 -24.96
N ASP A 74 8.39 -27.70 -23.94
CA ASP A 74 8.83 -27.71 -22.55
C ASP A 74 9.49 -29.02 -22.13
N THR A 75 10.67 -28.92 -21.53
CA THR A 75 11.39 -30.12 -21.05
C THR A 75 11.73 -30.05 -19.57
N LEU A 76 11.28 -28.98 -18.91
CA LEU A 76 11.62 -28.72 -17.52
C LEU A 76 11.34 -29.94 -16.68
N TYR A 77 10.14 -30.47 -16.82
CA TYR A 77 9.70 -31.59 -16.02
C TYR A 77 9.23 -32.72 -16.93
N PRO A 78 10.16 -33.61 -17.30
CA PRO A 78 10.01 -34.72 -18.24
C PRO A 78 9.03 -35.81 -17.78
N GLY A 79 7.94 -36.01 -18.53
CA GLY A 79 6.99 -37.08 -18.24
C GLY A 79 5.98 -36.76 -17.15
N PHE A 80 6.01 -35.50 -16.71
CA PHE A 80 5.12 -35.00 -15.68
C PHE A 80 3.89 -34.41 -16.34
N GLU A 81 2.73 -34.89 -15.92
CA GLU A 81 1.45 -34.56 -16.54
C GLU A 81 1.18 -33.08 -16.46
N GLY A 82 1.56 -32.49 -15.33
CA GLY A 82 1.39 -31.07 -15.11
C GLY A 82 1.84 -30.23 -16.30
N THR A 83 3.00 -30.59 -16.85
CA THR A 83 3.54 -29.89 -18.02
C THR A 83 3.13 -30.54 -19.35
N GLU A 84 3.24 -31.86 -19.43
CA GLU A 84 2.97 -32.57 -20.68
C GLU A 84 1.64 -32.17 -21.33
N MET A 85 0.60 -32.02 -20.51
CA MET A 85 -0.75 -31.71 -20.99
C MET A 85 -0.83 -30.43 -21.83
N TRP A 86 0.21 -29.62 -21.82
CA TRP A 86 0.23 -28.41 -22.62
C TRP A 86 1.11 -28.58 -23.87
N ASN A 87 1.93 -29.62 -23.86
CA ASN A 87 2.81 -29.93 -24.97
C ASN A 87 2.04 -30.45 -26.18
N PRO A 88 2.50 -30.10 -27.39
CA PRO A 88 1.87 -30.53 -28.66
C PRO A 88 1.67 -32.05 -28.72
N ASN A 89 0.50 -32.47 -29.19
CA ASN A 89 0.13 -33.87 -29.25
C ASN A 89 -0.08 -34.35 -30.68
N ARG A 90 0.47 -33.59 -31.63
CA ARG A 90 0.57 -34.04 -33.02
CA ARG A 90 0.55 -34.01 -33.03
C ARG A 90 1.85 -33.46 -33.59
N GLU A 91 2.31 -34.05 -34.68
CA GLU A 91 3.53 -33.62 -35.31
C GLU A 91 3.65 -32.11 -35.49
N LEU A 92 4.87 -31.61 -35.27
CA LEU A 92 5.16 -30.21 -35.44
C LEU A 92 5.42 -29.88 -36.91
N SER A 93 4.75 -28.85 -37.42
CA SER A 93 4.96 -28.44 -38.79
C SER A 93 4.52 -27.00 -39.04
N GLU A 94 5.16 -26.34 -40.00
CA GLU A 94 4.81 -24.98 -40.37
C GLU A 94 3.53 -25.01 -41.15
N ASP A 95 3.19 -26.20 -41.65
CA ASP A 95 1.89 -26.45 -42.25
C ASP A 95 0.97 -26.90 -41.16
N CYS A 96 0.26 -25.94 -40.57
CA CYS A 96 -0.50 -26.17 -39.35
C CYS A 96 -1.80 -25.35 -39.26
N LEU A 97 -2.11 -24.54 -40.27
CA LEU A 97 -3.34 -23.73 -40.23
C LEU A 97 -4.65 -24.54 -40.52
N TYR A 98 -5.22 -25.13 -39.47
CA TYR A 98 -6.38 -26.00 -39.59
C TYR A 98 -7.30 -25.70 -38.44
N LEU A 99 -8.61 -25.76 -38.65
CA LEU A 99 -9.53 -25.59 -37.53
C LEU A 99 -10.36 -26.84 -37.29
N ASN A 100 -10.98 -26.88 -36.11
CA ASN A 100 -11.81 -27.99 -35.69
C ASN A 100 -13.22 -27.55 -35.36
N VAL A 101 -14.19 -28.43 -35.60
CA VAL A 101 -15.57 -28.10 -35.31
C VAL A 101 -16.23 -29.27 -34.61
N TRP A 102 -16.90 -28.99 -33.50
CA TRP A 102 -17.75 -29.98 -32.84
C TRP A 102 -19.16 -29.43 -32.79
N THR A 103 -20.13 -30.32 -33.04
CA THR A 103 -21.54 -30.01 -32.97
C THR A 103 -22.32 -31.23 -32.52
N PRO A 104 -23.53 -30.99 -31.99
CA PRO A 104 -24.47 -32.05 -31.65
C PRO A 104 -24.56 -33.10 -32.75
N TYR A 105 -25.12 -34.25 -32.39
CA TYR A 105 -25.29 -35.32 -33.36
C TYR A 105 -26.66 -35.97 -33.22
N PRO A 106 -27.53 -35.76 -34.20
CA PRO A 106 -27.22 -35.02 -35.43
C PRO A 106 -27.16 -33.51 -35.25
N ARG A 107 -26.53 -32.83 -36.20
CA ARG A 107 -26.47 -31.37 -36.22
C ARG A 107 -27.82 -30.71 -35.99
N PRO A 108 -27.80 -29.52 -35.38
CA PRO A 108 -28.99 -28.78 -35.00
C PRO A 108 -29.85 -28.41 -36.20
N ALA A 109 -31.14 -28.20 -35.96
CA ALA A 109 -32.05 -27.80 -37.02
C ALA A 109 -32.23 -26.29 -37.01
N SER A 110 -32.24 -25.69 -35.82
CA SER A 110 -32.24 -24.25 -35.70
C SER A 110 -30.80 -23.75 -35.55
N PRO A 111 -30.55 -22.51 -35.98
CA PRO A 111 -29.18 -21.99 -35.83
C PRO A 111 -28.69 -21.93 -34.37
N THR A 112 -27.51 -22.49 -34.13
CA THR A 112 -26.94 -22.52 -32.80
C THR A 112 -25.83 -21.51 -32.62
N PRO A 113 -25.89 -20.75 -31.53
CA PRO A 113 -24.80 -19.90 -31.07
C PRO A 113 -23.46 -20.63 -31.11
N VAL A 114 -22.42 -19.89 -31.46
CA VAL A 114 -21.11 -20.48 -31.73
C VAL A 114 -20.05 -19.99 -30.76
N LEU A 115 -19.26 -20.92 -30.27
CA LEU A 115 -18.16 -20.60 -29.38
C LEU A 115 -16.84 -20.80 -30.11
N ILE A 116 -16.03 -19.75 -30.17
CA ILE A 116 -14.71 -19.89 -30.75
C ILE A 116 -13.60 -19.80 -29.70
N TRP A 117 -12.86 -20.90 -29.56
CA TRP A 117 -11.75 -20.98 -28.62
C TRP A 117 -10.39 -20.69 -29.23
N ILE A 118 -9.56 -19.98 -28.47
CA ILE A 118 -8.24 -19.59 -28.89
C ILE A 118 -7.22 -19.91 -27.81
N TYR A 119 -6.34 -20.91 -28.05
CA TYR A 119 -5.44 -21.39 -26.99
C TYR A 119 -4.47 -20.30 -26.57
N GLY A 120 -4.07 -20.33 -25.31
CA GLY A 120 -2.93 -19.56 -24.87
C GLY A 120 -1.65 -20.41 -24.94
N GLY A 121 -0.59 -19.88 -24.33
CA GLY A 121 0.73 -20.47 -24.46
C GLY A 121 1.76 -19.42 -24.87
N GLY A 122 1.55 -18.20 -24.39
CA GLY A 122 2.54 -17.13 -24.53
C GLY A 122 2.82 -16.61 -25.93
N PHE A 123 2.10 -17.12 -26.92
CA PHE A 123 2.41 -16.87 -28.32
C PHE A 123 3.63 -17.67 -28.76
N TYR A 124 4.20 -18.46 -27.85
CA TYR A 124 5.35 -19.27 -28.20
C TYR A 124 4.89 -20.71 -28.40
N SER A 125 3.66 -21.01 -28.00
CA SER A 125 3.18 -22.39 -28.04
C SER A 125 1.64 -22.45 -28.04
N GLY A 126 1.09 -23.67 -28.07
CA GLY A 126 -0.35 -23.86 -28.07
C GLY A 126 -0.90 -24.61 -29.25
N ALA A 127 -1.88 -25.47 -29.02
CA ALA A 127 -2.55 -26.21 -30.08
C ALA A 127 -4.05 -26.40 -29.79
N ALA A 128 -4.90 -26.25 -30.79
CA ALA A 128 -6.32 -26.48 -30.54
C ALA A 128 -6.62 -27.96 -30.30
N SER A 129 -5.62 -28.81 -30.40
CA SER A 129 -5.83 -30.27 -30.29
C SER A 129 -5.60 -30.89 -28.93
N LEU A 130 -5.04 -30.13 -27.99
CA LEU A 130 -4.87 -30.62 -26.62
C LEU A 130 -6.19 -31.11 -26.02
N ASP A 131 -6.09 -32.11 -25.15
CA ASP A 131 -7.28 -32.67 -24.53
C ASP A 131 -8.11 -31.64 -23.79
N VAL A 132 -7.45 -30.74 -23.06
CA VAL A 132 -8.14 -29.76 -22.26
C VAL A 132 -9.01 -28.79 -23.08
N TYR A 133 -8.84 -28.76 -24.41
CA TYR A 133 -9.69 -27.93 -25.26
C TYR A 133 -10.67 -28.77 -26.07
N ASP A 134 -11.22 -29.82 -25.49
CA ASP A 134 -12.12 -30.72 -26.22
C ASP A 134 -13.55 -30.23 -26.23
N GLY A 135 -14.08 -29.94 -27.40
CA GLY A 135 -15.42 -29.39 -27.47
C GLY A 135 -16.51 -30.43 -27.34
N ARG A 136 -16.12 -31.68 -27.14
CA ARG A 136 -17.12 -32.74 -27.20
C ARG A 136 -18.19 -32.57 -26.13
N PHE A 137 -17.82 -32.04 -24.96
CA PHE A 137 -18.73 -31.96 -23.81
C PHE A 137 -19.65 -30.76 -23.87
N LEU A 138 -19.09 -29.63 -24.26
CA LEU A 138 -19.88 -28.43 -24.42
C LEU A 138 -20.88 -28.66 -25.53
N ALA A 139 -20.42 -29.29 -26.60
CA ALA A 139 -21.28 -29.63 -27.73
C ALA A 139 -22.43 -30.53 -27.30
N GLN A 140 -22.08 -31.72 -26.80
CA GLN A 140 -23.06 -32.71 -26.34
C GLN A 140 -24.00 -32.20 -25.25
N VAL A 141 -23.43 -31.57 -24.23
CA VAL A 141 -24.18 -31.26 -23.01
C VAL A 141 -24.95 -29.95 -23.09
N GLU A 142 -24.36 -28.94 -23.74
CA GLU A 142 -25.04 -27.65 -23.89
C GLU A 142 -25.59 -27.39 -25.29
N GLY A 143 -25.31 -28.30 -26.23
CA GLY A 143 -25.75 -28.10 -27.61
C GLY A 143 -24.98 -27.04 -28.34
N ALA A 144 -23.79 -26.72 -27.83
CA ALA A 144 -22.94 -25.69 -28.41
C ALA A 144 -22.31 -26.18 -29.71
N VAL A 145 -22.16 -25.26 -30.67
CA VAL A 145 -21.21 -25.43 -31.76
C VAL A 145 -19.87 -24.81 -31.33
N LEU A 146 -18.84 -25.65 -31.23
CA LEU A 146 -17.55 -25.19 -30.78
C LEU A 146 -16.52 -25.23 -31.91
N VAL A 147 -15.83 -24.11 -32.09
CA VAL A 147 -14.77 -23.99 -33.06
C VAL A 147 -13.45 -23.65 -32.38
N SER A 148 -12.43 -24.46 -32.65
CA SER A 148 -11.10 -24.17 -32.13
C SER A 148 -10.11 -24.25 -33.29
N MET A 149 -9.05 -23.45 -33.20
CA MET A 149 -8.16 -23.30 -34.35
C MET A 149 -6.68 -23.14 -34.01
N ASN A 150 -5.85 -23.67 -34.90
CA ASN A 150 -4.41 -23.47 -34.86
C ASN A 150 -4.04 -22.12 -35.41
N TYR A 151 -3.07 -21.47 -34.78
CA TYR A 151 -2.56 -20.21 -35.31
C TYR A 151 -1.06 -20.15 -35.05
N ARG A 152 -0.31 -19.57 -35.98
CA ARG A 152 1.16 -19.55 -35.89
C ARG A 152 1.66 -18.83 -34.66
N VAL A 153 2.60 -19.46 -34.00
CA VAL A 153 3.21 -18.93 -32.80
C VAL A 153 4.69 -18.66 -33.03
N GLY A 154 5.34 -18.12 -32.00
CA GLY A 154 6.76 -17.90 -32.03
C GLY A 154 7.16 -16.92 -33.11
N THR A 155 8.33 -17.17 -33.68
CA THR A 155 8.82 -16.33 -34.74
C THR A 155 7.83 -16.36 -35.90
N PHE A 156 7.37 -17.56 -36.22
CA PHE A 156 6.55 -17.78 -37.41
C PHE A 156 5.27 -16.97 -37.37
N GLY A 157 4.74 -16.76 -36.17
CA GLY A 157 3.51 -16.02 -36.02
C GLY A 157 3.70 -14.54 -35.73
N PHE A 158 4.80 -14.19 -35.08
CA PHE A 158 4.94 -12.83 -34.55
C PHE A 158 6.28 -12.10 -34.72
N LEU A 159 7.31 -12.79 -35.22
CA LEU A 159 8.52 -12.07 -35.60
C LEU A 159 8.23 -10.95 -36.63
N ALA A 160 8.65 -9.73 -36.35
CA ALA A 160 8.36 -8.62 -37.23
C ALA A 160 9.49 -7.62 -37.42
N LEU A 161 9.74 -7.27 -38.66
CA LEU A 161 10.50 -6.09 -38.99
C LEU A 161 9.47 -5.05 -39.45
N PRO A 162 8.92 -4.31 -38.49
CA PRO A 162 7.82 -3.36 -38.68
C PRO A 162 8.02 -2.39 -39.82
N GLY A 163 7.03 -2.27 -40.69
CA GLY A 163 7.08 -1.32 -41.78
C GLY A 163 7.39 -2.02 -43.07
N SER A 164 7.88 -3.25 -42.96
CA SER A 164 8.33 -4.01 -44.12
C SER A 164 7.20 -4.86 -44.70
N ARG A 165 7.43 -5.38 -45.90
CA ARG A 165 6.42 -6.17 -46.60
C ARG A 165 6.56 -7.67 -46.28
N GLU A 166 7.78 -8.11 -46.02
CA GLU A 166 8.06 -9.53 -45.82
C GLU A 166 7.80 -10.05 -44.42
N ALA A 167 7.76 -9.14 -43.44
CA ALA A 167 7.50 -9.50 -42.04
C ALA A 167 6.82 -8.35 -41.32
N PRO A 168 5.56 -8.12 -41.66
CA PRO A 168 4.74 -7.00 -41.20
C PRO A 168 4.42 -7.07 -39.71
N GLY A 169 4.51 -8.28 -39.14
CA GLY A 169 4.15 -8.49 -37.75
C GLY A 169 2.72 -9.00 -37.60
N ASN A 170 2.38 -9.53 -36.43
CA ASN A 170 1.02 -9.96 -36.08
C ASN A 170 0.34 -11.07 -36.95
N VAL A 171 1.07 -11.76 -37.81
CA VAL A 171 0.41 -12.70 -38.73
C VAL A 171 -0.30 -13.82 -37.96
N GLY A 172 0.27 -14.19 -36.81
CA GLY A 172 -0.46 -15.02 -35.87
C GLY A 172 -1.88 -14.53 -35.61
N LEU A 173 -2.04 -13.24 -35.33
CA LEU A 173 -3.38 -12.66 -35.15
C LEU A 173 -4.21 -12.72 -36.42
N LEU A 174 -3.58 -12.48 -37.55
CA LEU A 174 -4.26 -12.59 -38.82
C LEU A 174 -4.72 -14.01 -39.17
N ASP A 175 -3.95 -15.04 -38.75
CA ASP A 175 -4.40 -16.41 -38.93
C ASP A 175 -5.76 -16.54 -38.23
N GLN A 176 -5.83 -16.00 -37.02
CA GLN A 176 -7.05 -16.13 -36.25
C GLN A 176 -8.18 -15.43 -36.97
N ARG A 177 -7.94 -14.19 -37.37
CA ARG A 177 -8.95 -13.42 -38.05
C ARG A 177 -9.48 -14.18 -39.26
N LEU A 178 -8.58 -14.85 -39.96
CA LEU A 178 -8.97 -15.68 -41.11
C LEU A 178 -9.92 -16.82 -40.72
N ALA A 179 -9.68 -17.45 -39.56
CA ALA A 179 -10.57 -18.50 -39.07
C ALA A 179 -11.92 -17.94 -38.67
N LEU A 180 -11.93 -16.76 -38.06
CA LEU A 180 -13.21 -16.09 -37.81
C LEU A 180 -13.98 -15.83 -39.12
N GLN A 181 -13.26 -15.40 -40.16
CA GLN A 181 -13.89 -15.21 -41.45
C GLN A 181 -14.46 -16.52 -41.98
N TRP A 182 -13.68 -17.59 -41.82
CA TRP A 182 -14.11 -18.91 -42.20
C TRP A 182 -15.43 -19.29 -41.53
N VAL A 183 -15.58 -18.90 -40.26
CA VAL A 183 -16.76 -19.32 -39.51
C VAL A 183 -17.95 -18.56 -40.06
N GLN A 184 -17.71 -17.31 -40.40
CA GLN A 184 -18.77 -16.48 -40.93
C GLN A 184 -19.28 -17.01 -42.25
N GLU A 185 -18.40 -17.61 -43.05
CA GLU A 185 -18.89 -18.14 -44.31
C GLU A 185 -19.48 -19.54 -44.23
N ASN A 186 -19.01 -20.34 -43.29
CA ASN A 186 -19.25 -21.77 -43.37
C ASN A 186 -20.02 -22.37 -42.22
N ILE A 187 -20.05 -21.70 -41.08
CA ILE A 187 -20.57 -22.33 -39.87
C ILE A 187 -22.04 -22.76 -39.97
N ALA A 188 -22.83 -22.09 -40.80
CA ALA A 188 -24.22 -22.48 -41.00
C ALA A 188 -24.37 -23.90 -41.57
N ALA A 189 -23.38 -24.35 -42.32
CA ALA A 189 -23.38 -25.72 -42.84
C ALA A 189 -23.34 -26.76 -41.70
N PHE A 190 -22.94 -26.35 -40.51
CA PHE A 190 -22.90 -27.30 -39.40
C PHE A 190 -24.01 -27.05 -38.41
N GLY A 191 -24.82 -26.02 -38.67
CA GLY A 191 -25.91 -25.69 -37.79
C GLY A 191 -25.56 -24.58 -36.83
N GLY A 192 -24.36 -24.01 -36.94
CA GLY A 192 -23.99 -22.86 -36.13
C GLY A 192 -24.58 -21.55 -36.65
N ASP A 193 -24.81 -20.60 -35.74
CA ASP A 193 -25.39 -19.29 -36.08
C ASP A 193 -24.29 -18.23 -36.22
N PRO A 194 -24.05 -17.74 -37.44
CA PRO A 194 -23.02 -16.71 -37.59
C PRO A 194 -23.47 -15.36 -37.05
N MET A 195 -24.77 -15.17 -36.83
CA MET A 195 -25.22 -13.93 -36.22
C MET A 195 -24.91 -13.94 -34.72
N SER A 196 -24.36 -15.05 -34.22
CA SER A 196 -24.12 -15.23 -32.80
C SER A 196 -22.81 -15.97 -32.50
N VAL A 197 -21.72 -15.21 -32.49
CA VAL A 197 -20.41 -15.78 -32.32
C VAL A 197 -19.69 -15.16 -31.11
N THR A 198 -19.16 -16.05 -30.28
CA THR A 198 -18.56 -15.68 -29.01
C THR A 198 -17.13 -16.22 -28.93
N LEU A 199 -16.17 -15.30 -28.87
CA LEU A 199 -14.77 -15.64 -28.70
C LEU A 199 -14.46 -15.96 -27.26
N PHE A 200 -13.59 -16.95 -27.05
CA PHE A 200 -13.03 -17.15 -25.73
C PHE A 200 -11.71 -17.86 -25.76
N GLY A 201 -10.95 -17.69 -24.69
CA GLY A 201 -9.56 -18.03 -24.68
C GLY A 201 -8.93 -17.64 -23.37
N GLU A 202 -7.79 -18.25 -23.09
CA GLU A 202 -7.13 -18.01 -21.84
C GLU A 202 -5.69 -17.53 -22.09
N SER A 203 -5.08 -16.92 -21.07
CA SER A 203 -3.80 -16.21 -21.19
C SER A 203 -3.62 -15.47 -22.54
N ALA A 204 -2.67 -15.93 -23.36
CA ALA A 204 -2.42 -15.31 -24.66
C ALA A 204 -3.63 -15.42 -25.58
N GLY A 205 -4.42 -16.48 -25.40
CA GLY A 205 -5.68 -16.62 -26.09
C GLY A 205 -6.62 -15.47 -25.65
N ALA A 206 -6.76 -15.29 -24.34
CA ALA A 206 -7.49 -14.17 -23.80
C ALA A 206 -6.98 -12.86 -24.37
N ALA A 207 -5.67 -12.66 -24.35
CA ALA A 207 -5.07 -11.45 -24.88
C ALA A 207 -5.49 -11.29 -26.33
N SER A 208 -5.37 -12.39 -27.07
CA SER A 208 -5.80 -12.43 -28.45
C SER A 208 -7.23 -11.93 -28.64
N VAL A 209 -8.13 -12.38 -27.78
CA VAL A 209 -9.51 -12.00 -27.85
C VAL A 209 -9.58 -10.47 -27.69
N GLY A 210 -8.91 -9.97 -26.65
CA GLY A 210 -8.83 -8.54 -26.40
C GLY A 210 -8.47 -7.79 -27.66
N MET A 211 -7.49 -8.33 -28.35
CA MET A 211 -6.91 -7.68 -29.49
C MET A 211 -7.85 -7.60 -30.67
N HIS A 212 -8.77 -8.58 -30.80
CA HIS A 212 -9.78 -8.50 -31.83
C HIS A 212 -10.84 -7.45 -31.48
N ILE A 213 -11.14 -7.33 -30.20
CA ILE A 213 -12.05 -6.32 -29.76
C ILE A 213 -11.47 -4.99 -30.17
N LEU A 214 -10.16 -4.90 -30.10
CA LEU A 214 -9.48 -3.64 -30.27
C LEU A 214 -9.14 -3.37 -31.72
N SER A 215 -9.27 -4.38 -32.57
CA SER A 215 -8.83 -4.23 -33.94
C SER A 215 -10.01 -4.21 -34.89
N LEU A 216 -10.23 -3.05 -35.51
CA LEU A 216 -11.48 -2.73 -36.23
C LEU A 216 -11.98 -3.82 -37.18
N PRO A 217 -11.08 -4.35 -38.04
CA PRO A 217 -11.43 -5.41 -38.99
C PRO A 217 -11.93 -6.71 -38.33
N SER A 218 -11.73 -6.88 -37.03
CA SER A 218 -12.18 -8.10 -36.38
C SER A 218 -13.56 -7.94 -35.78
N ARG A 219 -14.08 -6.71 -35.73
CA ARG A 219 -15.22 -6.46 -34.84
C ARG A 219 -16.57 -6.65 -35.54
N SER A 220 -16.56 -7.43 -36.61
CA SER A 220 -17.77 -7.84 -37.29
C SER A 220 -17.78 -9.34 -37.40
N LEU A 221 -16.77 -9.95 -36.79
CA LEU A 221 -16.60 -11.38 -36.89
C LEU A 221 -17.11 -12.09 -35.64
N PHE A 222 -17.49 -11.31 -34.62
CA PHE A 222 -17.97 -11.86 -33.34
C PHE A 222 -18.83 -10.83 -32.58
N HIS A 223 -19.51 -11.28 -31.53
CA HIS A 223 -20.54 -10.45 -30.91
C HIS A 223 -20.32 -10.28 -29.40
N ARG A 224 -19.51 -11.18 -28.86
CA ARG A 224 -19.28 -11.26 -27.43
C ARG A 224 -17.91 -11.88 -27.14
N ALA A 225 -17.38 -11.58 -25.97
CA ALA A 225 -16.02 -11.95 -25.67
C ALA A 225 -15.88 -12.55 -24.28
N VAL A 226 -15.06 -13.59 -24.17
CA VAL A 226 -14.59 -14.07 -22.87
C VAL A 226 -13.07 -14.04 -22.76
N LEU A 227 -12.58 -13.49 -21.67
CA LEU A 227 -11.15 -13.34 -21.46
C LEU A 227 -10.70 -13.99 -20.17
N GLN A 228 -10.15 -15.21 -20.27
CA GLN A 228 -9.69 -15.97 -19.09
C GLN A 228 -8.21 -15.79 -18.82
N SER A 229 -7.91 -15.11 -17.70
CA SER A 229 -6.54 -15.00 -17.19
C SER A 229 -5.58 -14.42 -18.23
N GLY A 230 -6.01 -13.34 -18.88
CA GLY A 230 -5.20 -12.64 -19.87
C GLY A 230 -5.86 -11.36 -20.39
N THR A 231 -5.05 -10.46 -20.95
CA THR A 231 -5.54 -9.17 -21.47
C THR A 231 -4.61 -8.59 -22.56
N PRO A 232 -5.17 -7.81 -23.49
CA PRO A 232 -4.33 -7.20 -24.53
C PRO A 232 -3.42 -6.11 -23.93
N ASN A 233 -3.90 -5.44 -22.90
CA ASN A 233 -3.09 -4.52 -22.12
C ASN A 233 -2.22 -5.34 -21.14
N GLY A 234 -1.26 -4.68 -20.49
CA GLY A 234 -0.34 -5.39 -19.62
C GLY A 234 1.09 -5.48 -20.14
N PRO A 235 2.00 -6.05 -19.33
CA PRO A 235 3.44 -6.02 -19.58
C PRO A 235 3.95 -7.00 -20.63
N TRP A 236 3.22 -8.09 -20.88
CA TRP A 236 3.80 -9.17 -21.68
C TRP A 236 3.11 -9.43 -23.01
N ALA A 237 1.89 -8.93 -23.17
CA ALA A 237 1.07 -9.27 -24.35
C ALA A 237 1.49 -8.57 -25.64
N THR A 238 2.27 -7.50 -25.55
CA THR A 238 2.65 -6.73 -26.75
C THR A 238 4.02 -6.10 -26.61
N VAL A 239 4.66 -5.80 -27.73
CA VAL A 239 5.92 -5.06 -27.69
C VAL A 239 5.84 -3.91 -28.68
N SER A 240 6.58 -2.84 -28.39
CA SER A 240 6.71 -1.72 -29.32
C SER A 240 7.26 -2.23 -30.63
N ALA A 241 7.12 -1.41 -31.66
CA ALA A 241 7.69 -1.71 -32.96
C ALA A 241 9.21 -1.71 -32.86
N GLY A 242 9.74 -0.76 -32.10
CA GLY A 242 11.18 -0.62 -31.95
C GLY A 242 11.76 -1.88 -31.34
N GLU A 243 11.06 -2.41 -30.35
CA GLU A 243 11.56 -3.56 -29.62
C GLU A 243 11.39 -4.86 -30.44
N ALA A 244 10.37 -4.91 -31.29
CA ALA A 244 10.15 -6.10 -32.12
C ALA A 244 11.25 -6.22 -33.17
N ARG A 245 11.59 -5.09 -33.76
CA ARG A 245 12.68 -4.98 -34.72
C ARG A 245 14.00 -5.36 -34.06
N ARG A 246 14.22 -4.80 -32.87
CA ARG A 246 15.37 -5.11 -32.05
C ARG A 246 15.51 -6.64 -31.91
N ARG A 247 14.44 -7.34 -31.56
CA ARG A 247 14.53 -8.79 -31.35
C ARG A 247 14.58 -9.60 -32.63
N ALA A 248 13.96 -9.10 -33.69
CA ALA A 248 14.00 -9.79 -34.97
C ALA A 248 15.43 -9.79 -35.47
N THR A 249 16.02 -8.60 -35.44
CA THR A 249 17.40 -8.45 -35.85
C THR A 249 18.33 -9.33 -35.01
N LEU A 250 18.07 -9.39 -33.72
CA LEU A 250 18.95 -10.15 -32.85
C LEU A 250 18.89 -11.64 -33.20
N LEU A 251 17.69 -12.13 -33.42
CA LEU A 251 17.50 -13.52 -33.82
C LEU A 251 18.26 -13.82 -35.11
N ALA A 252 18.17 -12.91 -36.06
CA ALA A 252 18.85 -13.08 -37.33
C ALA A 252 20.34 -13.33 -37.11
N ARG A 253 20.96 -12.52 -36.26
CA ARG A 253 22.39 -12.65 -36.03
C ARG A 253 22.70 -14.01 -35.42
N LEU A 254 21.99 -14.33 -34.35
CA LEU A 254 22.17 -15.61 -33.69
C LEU A 254 22.14 -16.76 -34.69
N VAL A 255 21.42 -16.60 -35.80
CA VAL A 255 21.34 -17.67 -36.80
C VAL A 255 22.08 -17.41 -38.11
N GLY A 256 22.94 -16.40 -38.12
CA GLY A 256 23.80 -16.19 -39.27
C GLY A 256 23.24 -15.24 -40.31
N CYS A 257 22.10 -14.65 -40.02
CA CYS A 257 21.44 -13.79 -40.97
C CYS A 257 21.79 -12.33 -40.69
N PRO A 258 22.89 -11.86 -41.26
CA PRO A 258 23.33 -10.51 -41.00
C PRO A 258 22.72 -9.58 -42.05
N ALA A 264 15.98 -3.45 -50.29
CA ALA A 264 16.41 -4.81 -50.04
C ALA A 264 17.16 -5.01 -48.69
N ASN A 265 16.97 -4.06 -47.77
CA ASN A 265 17.64 -4.10 -46.45
C ASN A 265 17.06 -5.13 -45.47
N ASP A 266 15.77 -4.96 -45.15
CA ASP A 266 15.04 -5.94 -44.36
C ASP A 266 14.73 -7.13 -45.25
N THR A 267 14.66 -6.87 -46.54
CA THR A 267 14.34 -7.91 -47.51
C THR A 267 15.38 -9.01 -47.48
N GLU A 268 16.64 -8.62 -47.50
CA GLU A 268 17.76 -9.56 -47.52
C GLU A 268 17.75 -10.34 -46.22
N LEU A 269 17.47 -9.64 -45.13
CA LEU A 269 17.50 -10.22 -43.80
C LEU A 269 16.46 -11.33 -43.70
N ILE A 270 15.23 -10.98 -44.09
CA ILE A 270 14.12 -11.92 -43.98
C ILE A 270 14.31 -13.10 -44.92
N ALA A 271 14.74 -12.80 -46.13
CA ALA A 271 14.97 -13.81 -47.12
C ALA A 271 15.90 -14.86 -46.53
N CYS A 272 16.92 -14.41 -45.81
CA CYS A 272 17.87 -15.36 -45.23
C CYS A 272 17.17 -16.21 -44.19
N LEU A 273 16.51 -15.57 -43.22
CA LEU A 273 15.70 -16.30 -42.22
C LEU A 273 14.79 -17.36 -42.84
N ARG A 274 14.16 -17.04 -43.97
CA ARG A 274 13.30 -17.99 -44.67
CA ARG A 274 13.30 -18.00 -44.66
C ARG A 274 14.07 -19.20 -45.13
N THR A 275 15.39 -19.14 -45.07
CA THR A 275 16.16 -20.28 -45.50
C THR A 275 16.59 -21.19 -44.32
N ARG A 276 16.24 -20.77 -43.11
CA ARG A 276 16.58 -21.54 -41.94
C ARG A 276 15.54 -22.61 -41.59
N PRO A 277 16.01 -23.81 -41.22
CA PRO A 277 15.14 -24.86 -40.71
C PRO A 277 14.27 -24.28 -39.60
N ALA A 278 13.04 -24.75 -39.45
CA ALA A 278 12.14 -24.14 -38.47
C ALA A 278 12.76 -24.34 -37.09
N GLN A 279 13.40 -25.49 -36.94
CA GLN A 279 13.95 -25.90 -35.66
C GLN A 279 15.11 -25.04 -35.17
N ASP A 280 15.86 -24.48 -36.10
CA ASP A 280 16.91 -23.56 -35.74
C ASP A 280 16.34 -22.24 -35.23
N LEU A 281 15.18 -21.85 -35.74
CA LEU A 281 14.56 -20.63 -35.27
C LEU A 281 14.12 -20.82 -33.84
N VAL A 282 13.39 -21.90 -33.60
CA VAL A 282 12.94 -22.23 -32.26
C VAL A 282 14.12 -22.33 -31.27
N ASP A 283 15.16 -23.04 -31.65
CA ASP A 283 16.32 -23.23 -30.78
C ASP A 283 16.93 -21.92 -30.25
N HIS A 284 16.60 -20.81 -30.90
CA HIS A 284 17.19 -19.51 -30.54
C HIS A 284 16.18 -18.46 -30.07
N GLU A 285 14.90 -18.84 -30.04
CA GLU A 285 13.84 -17.91 -29.75
C GLU A 285 14.02 -17.18 -28.41
N TRP A 286 14.45 -17.91 -27.38
CA TRP A 286 14.52 -17.37 -26.01
C TRP A 286 15.70 -16.48 -25.72
N HIS A 287 16.58 -16.31 -26.71
CA HIS A 287 17.78 -15.54 -26.46
C HIS A 287 17.63 -14.05 -26.74
N VAL A 288 16.54 -13.66 -27.40
CA VAL A 288 16.37 -12.26 -27.72
C VAL A 288 15.75 -11.44 -26.59
N LEU A 289 15.42 -12.07 -25.47
CA LEU A 289 14.86 -11.33 -24.32
C LEU A 289 15.86 -10.37 -23.71
N PRO A 290 15.42 -9.12 -23.49
CA PRO A 290 16.24 -8.02 -22.99
C PRO A 290 16.76 -8.25 -21.57
N GLN A 291 15.96 -8.91 -20.73
CA GLN A 291 16.39 -9.21 -19.36
C GLN A 291 16.03 -10.62 -18.93
N GLU A 292 16.77 -11.14 -17.95
CA GLU A 292 16.42 -12.39 -17.31
C GLU A 292 15.02 -12.15 -16.78
N SER A 293 14.08 -13.03 -17.08
CA SER A 293 12.70 -12.77 -16.67
C SER A 293 11.81 -13.99 -16.63
N ILE A 294 10.58 -13.76 -16.18
CA ILE A 294 9.52 -14.72 -16.26
C ILE A 294 8.26 -13.97 -16.70
N PHE A 295 7.38 -14.67 -17.39
CA PHE A 295 6.13 -14.12 -17.87
C PHE A 295 6.43 -13.04 -18.90
N ARG A 296 7.58 -13.20 -19.53
CA ARG A 296 7.92 -12.50 -20.76
C ARG A 296 8.22 -13.54 -21.85
N PHE A 297 7.76 -13.25 -23.08
CA PHE A 297 7.93 -14.12 -24.26
C PHE A 297 8.50 -13.38 -25.49
N SER A 298 9.36 -14.05 -26.26
CA SER A 298 10.19 -13.36 -27.27
C SER A 298 9.41 -12.72 -28.41
N PHE A 299 8.36 -13.39 -28.85
CA PHE A 299 7.69 -12.97 -30.07
C PHE A 299 6.17 -12.86 -29.88
N VAL A 300 5.73 -11.67 -29.56
CA VAL A 300 4.33 -11.43 -29.27
C VAL A 300 3.84 -10.35 -30.21
N PRO A 301 2.53 -10.08 -30.19
CA PRO A 301 1.98 -9.06 -31.09
C PRO A 301 2.71 -7.74 -30.98
N VAL A 302 2.95 -7.12 -32.12
CA VAL A 302 3.55 -5.81 -32.13
C VAL A 302 2.50 -4.74 -32.33
N VAL A 303 2.69 -3.63 -31.62
CA VAL A 303 1.94 -2.41 -31.87
C VAL A 303 2.44 -1.83 -33.20
N ASP A 304 1.70 -2.08 -34.27
CA ASP A 304 2.10 -1.72 -35.63
C ASP A 304 1.42 -0.48 -36.20
N GLY A 305 0.48 0.10 -35.45
CA GLY A 305 -0.38 1.14 -35.99
C GLY A 305 -1.17 0.66 -37.20
N ASP A 306 -1.59 -0.59 -37.14
CA ASP A 306 -2.27 -1.28 -38.23
C ASP A 306 -3.30 -2.28 -37.65
N PHE A 307 -2.86 -3.50 -37.32
CA PHE A 307 -3.73 -4.39 -36.56
C PHE A 307 -4.08 -3.69 -35.27
N LEU A 308 -3.06 -3.09 -34.68
CA LEU A 308 -3.23 -2.34 -33.45
C LEU A 308 -2.86 -0.89 -33.72
N SER A 309 -3.88 -0.04 -33.85
CA SER A 309 -3.68 1.35 -34.23
C SER A 309 -2.78 2.12 -33.26
N ASP A 310 -3.06 1.99 -31.97
CA ASP A 310 -2.20 2.53 -30.92
C ASP A 310 -1.93 1.37 -29.94
N THR A 311 -1.41 1.65 -28.76
CA THR A 311 -1.19 0.60 -27.78
C THR A 311 -2.50 0.19 -27.17
N PRO A 312 -2.60 -1.09 -26.77
CA PRO A 312 -3.82 -1.54 -26.10
C PRO A 312 -4.19 -0.61 -24.96
N GLU A 313 -3.22 -0.19 -24.15
CA GLU A 313 -3.50 0.69 -23.02
C GLU A 313 -4.18 1.97 -23.48
N ALA A 314 -3.65 2.54 -24.54
CA ALA A 314 -4.24 3.73 -25.11
C ALA A 314 -5.68 3.47 -25.56
N LEU A 315 -5.90 2.33 -26.21
CA LEU A 315 -7.21 2.05 -26.81
C LEU A 315 -8.31 1.78 -25.78
N ILE A 316 -8.00 1.03 -24.74
CA ILE A 316 -9.02 0.81 -23.71
C ILE A 316 -9.34 2.10 -22.94
N ASN A 317 -8.36 2.99 -22.82
CA ASN A 317 -8.52 4.25 -22.12
C ASN A 317 -9.52 5.18 -22.80
N THR A 318 -9.67 5.03 -24.11
CA THR A 318 -10.31 6.06 -24.92
C THR A 318 -11.40 5.54 -25.83
N GLY A 319 -11.83 4.30 -25.61
CA GLY A 319 -12.77 3.66 -26.50
C GLY A 319 -14.22 3.82 -26.12
N ASP A 320 -15.08 3.28 -26.96
CA ASP A 320 -16.52 3.38 -26.76
C ASP A 320 -17.03 1.97 -26.94
N PHE A 321 -17.50 1.38 -25.84
CA PHE A 321 -17.77 -0.05 -25.85
C PHE A 321 -19.19 -0.39 -25.41
N GLN A 322 -20.17 0.44 -25.78
CA GLN A 322 -21.54 0.20 -25.34
C GLN A 322 -22.03 -1.16 -25.79
N ASP A 323 -21.60 -1.57 -26.97
CA ASP A 323 -22.14 -2.74 -27.62
C ASP A 323 -21.49 -4.02 -27.13
N LEU A 324 -20.48 -3.88 -26.29
CA LEU A 324 -19.67 -5.01 -25.92
C LEU A 324 -20.17 -5.72 -24.68
N GLN A 325 -20.30 -7.05 -24.76
CA GLN A 325 -20.55 -7.88 -23.59
C GLN A 325 -19.38 -8.83 -23.39
N VAL A 326 -18.68 -8.62 -22.30
CA VAL A 326 -17.46 -9.32 -22.05
C VAL A 326 -17.53 -9.95 -20.68
N LEU A 327 -17.01 -11.16 -20.60
CA LEU A 327 -16.89 -11.84 -19.34
C LEU A 327 -15.40 -12.03 -19.13
N VAL A 328 -14.90 -11.61 -17.98
CA VAL A 328 -13.48 -11.67 -17.67
C VAL A 328 -13.27 -12.23 -16.28
N GLY A 329 -12.05 -12.69 -16.02
CA GLY A 329 -11.72 -13.18 -14.69
C GLY A 329 -10.35 -13.81 -14.56
N VAL A 330 -10.04 -14.25 -13.35
CA VAL A 330 -8.72 -14.83 -13.03
C VAL A 330 -8.80 -16.04 -12.13
N VAL A 331 -7.67 -16.72 -11.97
CA VAL A 331 -7.55 -17.82 -11.02
C VAL A 331 -6.94 -17.31 -9.71
N LYS A 332 -7.11 -18.05 -8.60
CA LYS A 332 -6.62 -17.61 -7.28
C LYS A 332 -5.12 -17.32 -7.29
N ASP A 333 -4.37 -18.11 -8.04
CA ASP A 333 -2.91 -18.05 -7.99
C ASP A 333 -2.26 -17.93 -9.36
N GLU A 334 -2.48 -16.79 -10.01
CA GLU A 334 -2.02 -16.60 -11.36
C GLU A 334 -0.50 -16.78 -11.51
N GLY A 335 0.25 -16.54 -10.44
CA GLY A 335 1.69 -16.41 -10.52
C GLY A 335 2.53 -17.63 -10.19
N SER A 336 1.96 -18.60 -9.46
CA SER A 336 2.76 -19.72 -8.94
C SER A 336 3.58 -20.50 -9.98
N TYR A 337 2.92 -20.92 -11.06
CA TYR A 337 3.47 -21.70 -12.18
C TYR A 337 4.78 -21.15 -12.76
N PHE A 338 4.90 -19.84 -12.80
CA PHE A 338 6.05 -19.18 -13.43
C PHE A 338 7.31 -19.23 -12.56
N LEU A 339 7.13 -19.33 -11.25
CA LEU A 339 8.26 -19.25 -10.36
C LEU A 339 9.24 -20.41 -10.53
N VAL A 340 8.74 -21.57 -10.92
CA VAL A 340 9.58 -22.77 -10.94
C VAL A 340 10.35 -22.85 -12.26
N TYR A 341 10.18 -21.84 -13.08
CA TYR A 341 10.84 -21.76 -14.38
C TYR A 341 11.83 -20.62 -14.41
N GLY A 342 12.42 -20.28 -13.27
CA GLY A 342 13.25 -19.10 -13.28
C GLY A 342 13.64 -18.53 -11.95
N VAL A 343 12.73 -18.45 -10.99
CA VAL A 343 13.12 -17.83 -9.73
C VAL A 343 13.87 -18.81 -8.84
N PRO A 344 15.17 -18.55 -8.64
CA PRO A 344 15.98 -19.37 -7.73
C PRO A 344 15.21 -19.51 -6.45
N GLY A 345 15.10 -20.73 -5.92
CA GLY A 345 14.45 -20.96 -4.66
C GLY A 345 13.23 -21.82 -4.84
N PHE A 346 12.69 -21.81 -6.05
CA PHE A 346 11.36 -22.37 -6.32
C PHE A 346 11.40 -23.65 -7.12
N SER A 347 10.53 -24.58 -6.73
CA SER A 347 10.47 -25.91 -7.32
C SER A 347 9.18 -26.69 -6.99
N LYS A 348 8.71 -27.50 -7.92
CA LYS A 348 7.48 -28.25 -7.69
C LYS A 348 7.70 -29.40 -6.75
N ASP A 349 8.96 -29.66 -6.44
CA ASP A 349 9.31 -30.87 -5.72
C ASP A 349 9.69 -30.56 -4.26
N ASN A 350 9.71 -29.28 -3.92
CA ASN A 350 9.72 -28.87 -2.51
C ASN A 350 8.72 -27.76 -2.21
N GLU A 351 8.66 -27.36 -0.96
CA GLU A 351 7.65 -26.42 -0.51
C GLU A 351 8.04 -24.96 -0.82
N SER A 352 9.19 -24.80 -1.48
CA SER A 352 9.73 -23.52 -1.93
C SER A 352 9.68 -22.37 -0.92
N LEU A 353 10.03 -22.64 0.33
CA LEU A 353 10.18 -21.56 1.30
C LEU A 353 11.45 -20.73 1.03
N ILE A 354 11.29 -19.51 0.54
CA ILE A 354 12.42 -18.64 0.19
C ILE A 354 12.84 -17.66 1.30
N SER A 355 14.02 -17.08 1.13
CA SER A 355 14.50 -16.07 2.04
C SER A 355 14.15 -14.66 1.56
N ARG A 356 14.35 -13.68 2.41
CA ARG A 356 14.18 -12.31 1.97
C ARG A 356 15.09 -12.00 0.80
N ALA A 357 16.35 -12.42 0.90
CA ALA A 357 17.29 -12.26 -0.20
C ALA A 357 16.68 -12.83 -1.47
N GLN A 358 16.23 -14.07 -1.40
CA GLN A 358 15.66 -14.69 -2.58
C GLN A 358 14.43 -13.93 -3.10
N PHE A 359 13.70 -13.31 -2.20
CA PHE A 359 12.52 -12.54 -2.61
C PHE A 359 12.90 -11.26 -3.40
N LEU A 360 13.85 -10.51 -2.88
CA LEU A 360 14.33 -9.32 -3.57
C LEU A 360 14.92 -9.65 -4.94
N ALA A 361 15.67 -10.74 -5.01
CA ALA A 361 16.23 -11.22 -6.26
C ALA A 361 15.10 -11.62 -7.20
N GLY A 362 14.10 -12.30 -6.65
CA GLY A 362 12.95 -12.71 -7.41
C GLY A 362 12.13 -11.55 -7.95
N VAL A 363 12.02 -10.45 -7.20
CA VAL A 363 11.20 -9.34 -7.68
C VAL A 363 11.80 -8.70 -8.92
N ARG A 364 13.14 -8.61 -8.98
CA ARG A 364 13.81 -8.09 -10.17
C ARG A 364 13.49 -8.95 -11.39
N ILE A 365 13.49 -10.26 -11.20
CA ILE A 365 13.23 -11.17 -12.29
C ILE A 365 11.77 -11.09 -12.71
N GLY A 366 10.87 -11.14 -11.74
CA GLY A 366 9.44 -11.10 -12.00
C GLY A 366 8.92 -9.76 -12.50
N VAL A 367 9.72 -8.71 -12.33
CA VAL A 367 9.33 -7.39 -12.80
C VAL A 367 10.51 -6.85 -13.59
N PRO A 368 10.84 -7.50 -14.70
CA PRO A 368 12.11 -7.22 -15.37
C PRO A 368 12.28 -5.78 -15.81
N GLN A 369 11.19 -5.08 -16.10
CA GLN A 369 11.28 -3.72 -16.63
CA GLN A 369 11.25 -3.73 -16.63
C GLN A 369 11.27 -2.64 -15.55
N ALA A 370 11.34 -3.06 -14.29
CA ALA A 370 11.31 -2.09 -13.20
C ALA A 370 12.68 -1.53 -12.82
N SER A 371 12.75 -0.20 -12.71
CA SER A 371 13.93 0.46 -12.19
C SER A 371 14.19 -0.01 -10.76
N ASP A 372 15.34 0.36 -10.23
CA ASP A 372 15.70 -0.05 -8.89
C ASP A 372 14.68 0.47 -7.88
N LEU A 373 14.20 1.69 -8.16
CA LEU A 373 13.27 2.38 -7.28
C LEU A 373 11.88 1.77 -7.37
N ALA A 374 11.47 1.42 -8.59
CA ALA A 374 10.18 0.80 -8.75
C ALA A 374 10.16 -0.55 -8.05
N ALA A 375 11.32 -1.23 -8.03
CA ALA A 375 11.42 -2.56 -7.42
C ALA A 375 11.38 -2.44 -5.93
N GLU A 376 12.06 -1.44 -5.39
CA GLU A 376 11.93 -1.17 -3.96
C GLU A 376 10.46 -1.03 -3.63
N ALA A 377 9.76 -0.16 -4.37
CA ALA A 377 8.34 0.08 -4.14
C ALA A 377 7.54 -1.22 -4.09
N VAL A 378 7.76 -2.07 -5.09
CA VAL A 378 7.11 -3.38 -5.14
C VAL A 378 7.40 -4.20 -3.88
N VAL A 379 8.68 -4.33 -3.54
CA VAL A 379 9.12 -5.06 -2.35
C VAL A 379 8.57 -4.48 -1.03
N LEU A 380 8.42 -3.16 -0.95
CA LEU A 380 7.90 -2.59 0.28
C LEU A 380 6.39 -2.79 0.38
N HIS A 381 5.72 -2.85 -0.77
CA HIS A 381 4.29 -3.11 -0.76
C HIS A 381 3.95 -4.56 -0.39
N TYR A 382 4.65 -5.52 -0.99
CA TYR A 382 4.30 -6.92 -0.77
C TYR A 382 4.96 -7.48 0.49
N THR A 383 5.85 -6.71 1.10
CA THR A 383 6.43 -7.16 2.38
C THR A 383 5.41 -7.00 3.52
N ASP A 384 5.32 -8.00 4.38
CA ASP A 384 4.56 -7.92 5.61
C ASP A 384 5.54 -7.46 6.70
N TRP A 385 5.35 -6.24 7.20
CA TRP A 385 6.36 -5.63 8.07
C TRP A 385 6.31 -6.11 9.50
N LEU A 386 5.29 -6.90 9.81
CA LEU A 386 5.28 -7.71 11.03
C LEU A 386 6.17 -8.94 10.92
N HIS A 387 6.19 -9.55 9.73
CA HIS A 387 7.00 -10.74 9.45
C HIS A 387 7.67 -10.59 8.10
N PRO A 388 8.64 -9.67 8.01
CA PRO A 388 9.31 -9.42 6.74
C PRO A 388 10.30 -10.52 6.39
N GLU A 389 10.57 -11.46 7.30
CA GLU A 389 11.50 -12.53 6.95
C GLU A 389 10.92 -13.93 6.90
N ASP A 390 9.60 -14.04 7.04
CA ASP A 390 8.94 -15.34 6.99
C ASP A 390 8.93 -15.96 5.59
N PRO A 391 9.56 -17.15 5.45
CA PRO A 391 9.79 -17.87 4.19
C PRO A 391 8.51 -18.25 3.49
N THR A 392 7.47 -18.55 4.27
CA THR A 392 6.17 -18.91 3.73
C THR A 392 5.45 -17.68 3.20
N HIS A 393 5.51 -16.58 3.93
CA HIS A 393 4.89 -15.36 3.44
C HIS A 393 5.58 -14.92 2.15
N LEU A 394 6.92 -14.95 2.18
CA LEU A 394 7.72 -14.49 1.05
C LEU A 394 7.47 -15.35 -0.20
N ARG A 395 7.38 -16.65 0.01
CA ARG A 395 7.07 -17.53 -1.08
C ARG A 395 5.78 -17.06 -1.76
N ASP A 396 4.76 -16.73 -0.96
CA ASP A 396 3.44 -16.41 -1.50
C ASP A 396 3.32 -14.97 -2.01
N ALA A 397 4.18 -14.09 -1.51
CA ALA A 397 4.25 -12.73 -2.01
C ALA A 397 4.90 -12.73 -3.39
N MET A 398 5.94 -13.55 -3.52
CA MET A 398 6.62 -13.72 -4.79
C MET A 398 5.62 -14.19 -5.84
N SER A 399 4.80 -15.17 -5.47
CA SER A 399 3.76 -15.64 -6.37
C SER A 399 2.81 -14.48 -6.75
N ALA A 400 2.58 -13.56 -5.81
CA ALA A 400 1.53 -12.54 -5.96
C ALA A 400 2.02 -11.34 -6.74
N VAL A 401 3.29 -11.00 -6.57
CA VAL A 401 3.93 -10.03 -7.45
C VAL A 401 3.70 -10.47 -8.91
N VAL A 402 4.16 -11.67 -9.24
CA VAL A 402 4.04 -12.18 -10.60
C VAL A 402 2.60 -12.26 -11.11
N GLY A 403 1.70 -12.83 -10.31
CA GLY A 403 0.29 -12.88 -10.66
C GLY A 403 -0.36 -11.50 -10.81
N ASP A 404 -0.15 -10.61 -9.86
CA ASP A 404 -0.76 -9.28 -9.89
C ASP A 404 -0.30 -8.47 -11.08
N HIS A 405 1.02 -8.38 -11.24
CA HIS A 405 1.65 -7.58 -12.27
C HIS A 405 1.18 -7.97 -13.66
N ASN A 406 1.12 -9.28 -13.89
CA ASN A 406 0.90 -9.84 -15.21
C ASN A 406 -0.57 -10.12 -15.57
N VAL A 407 -1.37 -10.55 -14.61
CA VAL A 407 -2.74 -10.91 -14.93
C VAL A 407 -3.74 -10.10 -14.13
N VAL A 408 -3.75 -10.31 -12.81
CA VAL A 408 -4.84 -9.81 -11.98
C VAL A 408 -5.03 -8.31 -12.11
N CYS A 409 -3.95 -7.55 -12.26
CA CYS A 409 -4.12 -6.10 -12.31
C CYS A 409 -4.45 -5.56 -13.70
N PRO A 410 -3.85 -6.13 -14.75
CA PRO A 410 -4.27 -5.82 -16.12
C PRO A 410 -5.75 -6.15 -16.34
N VAL A 411 -6.18 -7.28 -15.81
CA VAL A 411 -7.57 -7.70 -15.94
C VAL A 411 -8.40 -6.69 -15.18
N ALA A 412 -7.94 -6.34 -13.99
CA ALA A 412 -8.61 -5.31 -13.21
C ALA A 412 -8.64 -4.00 -14.00
N GLN A 413 -7.52 -3.63 -14.59
CA GLN A 413 -7.45 -2.42 -15.41
C GLN A 413 -8.46 -2.48 -16.56
N LEU A 414 -8.58 -3.65 -17.18
CA LEU A 414 -9.44 -3.80 -18.35
C LEU A 414 -10.92 -3.65 -17.98
N ALA A 415 -11.34 -4.38 -16.95
CA ALA A 415 -12.72 -4.35 -16.53
C ALA A 415 -13.13 -2.93 -16.15
N GLY A 416 -12.21 -2.25 -15.47
CA GLY A 416 -12.45 -0.89 -15.04
C GLY A 416 -12.71 0.03 -16.21
N ARG A 417 -11.84 -0.03 -17.21
CA ARG A 417 -11.96 0.90 -18.31
C ARG A 417 -13.17 0.53 -19.17
N LEU A 418 -13.37 -0.77 -19.38
CA LEU A 418 -14.48 -1.20 -20.21
C LEU A 418 -15.82 -0.79 -19.60
N ALA A 419 -15.98 -1.03 -18.31
CA ALA A 419 -17.24 -0.74 -17.66
C ALA A 419 -17.47 0.76 -17.73
N ALA A 420 -16.44 1.51 -17.37
CA ALA A 420 -16.55 2.96 -17.35
C ALA A 420 -16.94 3.51 -18.70
N GLN A 421 -16.82 2.69 -19.74
CA GLN A 421 -17.00 3.18 -21.10
C GLN A 421 -18.00 2.38 -21.88
N GLY A 422 -19.05 1.94 -21.21
CA GLY A 422 -20.28 1.52 -21.89
C GLY A 422 -20.59 0.05 -21.94
N ALA A 423 -19.65 -0.77 -21.47
CA ALA A 423 -19.71 -2.20 -21.75
C ALA A 423 -20.28 -3.02 -20.59
N ARG A 424 -21.06 -4.05 -20.91
CA ARG A 424 -21.45 -5.00 -19.90
C ARG A 424 -20.28 -5.95 -19.59
N VAL A 425 -19.77 -5.88 -18.35
CA VAL A 425 -18.71 -6.75 -17.90
C VAL A 425 -19.18 -7.65 -16.78
N TYR A 426 -18.79 -8.92 -16.85
CA TYR A 426 -19.01 -9.87 -15.76
C TYR A 426 -17.65 -10.34 -15.35
N ALA A 427 -17.38 -10.28 -14.05
CA ALA A 427 -16.06 -10.65 -13.55
C ALA A 427 -16.14 -11.80 -12.57
N TYR A 428 -15.11 -12.64 -12.54
CA TYR A 428 -15.08 -13.77 -11.61
C TYR A 428 -13.68 -14.04 -11.11
N ILE A 429 -13.59 -14.75 -9.99
CA ILE A 429 -12.32 -15.35 -9.60
C ILE A 429 -12.52 -16.85 -9.41
N PHE A 430 -11.61 -17.66 -9.97
CA PHE A 430 -11.82 -19.10 -9.95
C PHE A 430 -10.93 -19.74 -8.87
N GLU A 431 -11.57 -20.27 -7.84
CA GLU A 431 -10.83 -20.61 -6.62
C GLU A 431 -10.71 -22.09 -6.30
N HIS A 432 -11.07 -22.95 -7.24
CA HIS A 432 -11.12 -24.38 -6.94
C HIS A 432 -9.94 -25.14 -7.52
N ARG A 433 -9.10 -25.68 -6.65
CA ARG A 433 -8.02 -26.57 -7.10
C ARG A 433 -8.55 -27.99 -7.39
N ALA A 434 -8.15 -28.54 -8.53
CA ALA A 434 -8.67 -29.82 -8.95
C ALA A 434 -8.17 -30.88 -7.99
N SER A 435 -9.03 -31.82 -7.66
CA SER A 435 -8.63 -32.91 -6.78
C SER A 435 -7.56 -33.69 -7.51
N THR A 436 -7.55 -33.52 -8.83
CA THR A 436 -6.66 -34.29 -9.70
C THR A 436 -5.36 -33.56 -10.00
N LEU A 437 -5.27 -32.30 -9.56
CA LEU A 437 -4.14 -31.46 -9.92
C LEU A 437 -2.88 -32.14 -9.49
N THR A 438 -1.85 -32.01 -10.28
CA THR A 438 -0.67 -32.83 -10.11
C THR A 438 0.51 -31.98 -9.60
N TRP A 439 0.34 -30.67 -9.64
CA TRP A 439 1.29 -29.74 -9.03
C TRP A 439 1.16 -29.73 -7.51
N PRO A 440 2.22 -29.27 -6.81
CA PRO A 440 2.16 -29.20 -5.34
C PRO A 440 1.10 -28.21 -4.83
N LEU A 441 0.69 -28.43 -3.58
CA LEU A 441 -0.32 -27.60 -2.95
C LEU A 441 0.03 -26.15 -2.89
N TRP A 442 1.31 -25.86 -2.71
CA TRP A 442 1.70 -24.48 -2.49
C TRP A 442 1.34 -23.58 -3.68
N MET A 443 1.10 -24.17 -4.85
CA MET A 443 0.84 -23.36 -6.05
C MET A 443 -0.62 -22.91 -6.15
N GLY A 444 -1.45 -23.42 -5.25
CA GLY A 444 -2.83 -23.02 -5.17
C GLY A 444 -3.60 -23.49 -6.38
N VAL A 445 -4.36 -22.57 -6.99
CA VAL A 445 -5.02 -22.81 -8.27
C VAL A 445 -4.23 -22.03 -9.31
N PRO A 446 -3.32 -22.71 -10.03
CA PRO A 446 -2.37 -22.05 -10.93
C PRO A 446 -3.00 -21.54 -12.22
N HIS A 447 -2.26 -20.69 -12.92
CA HIS A 447 -2.57 -20.23 -14.27
C HIS A 447 -3.00 -21.40 -15.16
N GLY A 448 -4.22 -21.36 -15.70
CA GLY A 448 -4.66 -22.37 -16.66
C GLY A 448 -5.50 -23.53 -16.14
N TYR A 449 -5.64 -23.67 -14.83
CA TYR A 449 -6.38 -24.84 -14.35
C TYR A 449 -7.84 -24.57 -14.09
N GLU A 450 -8.37 -23.54 -14.75
CA GLU A 450 -9.82 -23.41 -14.83
C GLU A 450 -10.29 -24.12 -16.09
N ILE A 451 -9.42 -24.19 -17.09
CA ILE A 451 -9.83 -24.65 -18.41
C ILE A 451 -10.56 -26.00 -18.38
N GLU A 452 -9.92 -27.02 -17.81
CA GLU A 452 -10.52 -28.35 -17.71
C GLU A 452 -11.96 -28.34 -17.19
N PHE A 453 -12.26 -27.40 -16.29
CA PHE A 453 -13.63 -27.32 -15.79
C PHE A 453 -14.62 -26.65 -16.74
N ILE A 454 -14.21 -25.57 -17.41
CA ILE A 454 -15.05 -24.86 -18.37
C ILE A 454 -15.39 -25.70 -19.60
N PHE A 455 -14.46 -26.56 -20.00
CA PHE A 455 -14.66 -27.45 -21.14
C PHE A 455 -15.39 -28.70 -20.71
N GLY A 456 -15.53 -28.89 -19.40
CA GLY A 456 -16.32 -29.98 -18.86
C GLY A 456 -15.66 -31.35 -18.77
N LEU A 457 -14.33 -31.38 -18.67
CA LEU A 457 -13.61 -32.65 -18.61
C LEU A 457 -13.95 -33.54 -17.41
N PRO A 458 -14.35 -32.95 -16.28
CA PRO A 458 -14.68 -33.84 -15.16
C PRO A 458 -15.82 -34.84 -15.49
N LEU A 459 -16.58 -34.59 -16.56
CA LEU A 459 -17.63 -35.51 -16.99
C LEU A 459 -17.07 -36.79 -17.60
N ASP A 460 -15.80 -36.75 -17.97
CA ASP A 460 -15.17 -37.96 -18.41
C ASP A 460 -14.92 -38.84 -17.18
N PRO A 461 -15.70 -39.93 -17.07
CA PRO A 461 -15.70 -40.78 -15.87
C PRO A 461 -14.32 -41.32 -15.62
N SER A 462 -13.58 -41.57 -16.68
CA SER A 462 -12.27 -42.16 -16.57
C SER A 462 -11.18 -41.19 -16.10
N LEU A 463 -11.56 -39.93 -15.86
CA LEU A 463 -10.62 -38.92 -15.38
C LEU A 463 -10.58 -38.79 -13.85
N ASN A 464 -11.33 -39.63 -13.16
CA ASN A 464 -11.23 -39.71 -11.69
C ASN A 464 -11.52 -38.37 -10.94
N TYR A 465 -12.30 -37.46 -11.55
CA TYR A 465 -12.81 -36.29 -10.80
C TYR A 465 -13.90 -36.71 -9.80
N THR A 466 -14.23 -35.82 -8.87
CA THR A 466 -15.24 -36.11 -7.85
C THR A 466 -16.61 -35.65 -8.30
N THR A 467 -17.63 -36.24 -7.70
CA THR A 467 -19.02 -35.90 -8.04
C THR A 467 -19.29 -34.40 -7.98
N GLU A 468 -18.88 -33.75 -6.89
CA GLU A 468 -18.99 -32.29 -6.73
C GLU A 468 -18.44 -31.58 -7.97
N GLU A 469 -17.23 -31.98 -8.35
CA GLU A 469 -16.55 -31.42 -9.50
C GLU A 469 -17.34 -31.54 -10.82
N ARG A 470 -18.11 -32.61 -10.96
CA ARG A 470 -18.96 -32.75 -12.15
C ARG A 470 -20.08 -31.73 -12.10
N ILE A 471 -20.81 -31.69 -10.99
CA ILE A 471 -21.85 -30.69 -10.82
C ILE A 471 -21.26 -29.35 -11.13
N PHE A 472 -20.07 -29.11 -10.59
CA PHE A 472 -19.41 -27.83 -10.70
C PHE A 472 -19.05 -27.54 -12.15
N ALA A 473 -18.39 -28.49 -12.79
CA ALA A 473 -18.02 -28.30 -14.19
C ALA A 473 -19.24 -27.92 -15.00
N GLN A 474 -20.35 -28.56 -14.70
CA GLN A 474 -21.59 -28.35 -15.44
C GLN A 474 -22.14 -26.95 -15.25
N ARG A 475 -22.09 -26.48 -14.00
CA ARG A 475 -22.54 -25.13 -13.66
C ARG A 475 -21.82 -24.11 -14.53
N LEU A 476 -20.51 -24.26 -14.59
CA LEU A 476 -19.64 -23.37 -15.35
C LEU A 476 -19.90 -23.38 -16.84
N MET A 477 -20.30 -24.53 -17.39
CA MET A 477 -20.61 -24.60 -18.80
C MET A 477 -21.91 -23.82 -19.03
N LYS A 478 -22.87 -24.03 -18.13
CA LYS A 478 -24.09 -23.26 -18.15
C LYS A 478 -23.77 -21.77 -18.21
N TYR A 479 -22.82 -21.31 -17.40
CA TYR A 479 -22.52 -19.88 -17.35
C TYR A 479 -21.97 -19.39 -18.67
N TRP A 480 -20.88 -20.02 -19.09
CA TRP A 480 -20.23 -19.71 -20.35
C TRP A 480 -21.24 -19.76 -21.48
N THR A 481 -21.93 -20.89 -21.59
CA THR A 481 -22.85 -21.07 -22.70
C THR A 481 -24.08 -20.18 -22.61
N ASN A 482 -24.50 -19.78 -21.41
CA ASN A 482 -25.60 -18.81 -21.27
C ASN A 482 -25.14 -17.43 -21.76
N PHE A 483 -23.93 -17.06 -21.35
CA PHE A 483 -23.35 -15.79 -21.78
C PHE A 483 -23.22 -15.76 -23.28
N ALA A 484 -22.74 -16.86 -23.87
CA ALA A 484 -22.66 -16.95 -25.31
C ALA A 484 -24.02 -16.67 -25.96
N ARG A 485 -25.08 -17.32 -25.45
CA ARG A 485 -26.43 -17.18 -26.01
C ARG A 485 -27.03 -15.77 -25.91
N THR A 486 -26.77 -15.09 -24.81
CA THR A 486 -27.59 -13.97 -24.40
C THR A 486 -26.77 -12.76 -23.97
N GLY A 487 -25.49 -12.99 -23.67
CA GLY A 487 -24.63 -11.93 -23.20
C GLY A 487 -24.72 -11.78 -21.69
N ASP A 488 -25.44 -12.71 -21.07
CA ASP A 488 -25.63 -12.73 -19.64
C ASP A 488 -25.46 -14.16 -19.16
N PRO A 489 -24.55 -14.39 -18.20
CA PRO A 489 -24.24 -15.75 -17.73
C PRO A 489 -25.34 -16.36 -16.88
N ASN A 490 -26.28 -15.56 -16.39
CA ASN A 490 -27.31 -16.06 -15.49
C ASN A 490 -28.35 -16.91 -16.18
N ASP A 491 -29.14 -17.60 -15.37
CA ASP A 491 -30.22 -18.44 -15.87
C ASP A 491 -31.55 -17.78 -15.52
N PRO A 492 -32.44 -17.61 -16.51
CA PRO A 492 -33.79 -17.08 -16.25
C PRO A 492 -34.67 -18.08 -15.51
N ARG A 493 -34.38 -19.37 -15.69
CA ARG A 493 -35.21 -20.46 -15.15
C ARG A 493 -34.78 -20.91 -13.76
N ASP A 494 -33.48 -20.88 -13.49
CA ASP A 494 -32.94 -21.17 -12.16
C ASP A 494 -32.82 -19.87 -11.36
N SER A 495 -33.83 -19.02 -11.48
CA SER A 495 -33.80 -17.64 -10.99
C SER A 495 -33.56 -17.49 -9.48
N LYS A 496 -33.88 -18.53 -8.71
CA LYS A 496 -33.69 -18.50 -7.26
C LYS A 496 -32.22 -18.55 -6.85
N SER A 497 -31.39 -19.21 -7.67
CA SER A 497 -29.95 -19.31 -7.43
C SER A 497 -29.31 -17.93 -7.37
N PRO A 498 -28.20 -17.80 -6.62
CA PRO A 498 -27.51 -16.52 -6.49
C PRO A 498 -27.32 -15.90 -7.86
N GLN A 499 -27.54 -14.60 -7.99
CA GLN A 499 -27.32 -13.89 -9.25
C GLN A 499 -25.88 -13.47 -9.38
N TRP A 500 -25.45 -13.25 -10.62
CA TRP A 500 -24.10 -12.80 -10.92
C TRP A 500 -24.20 -11.39 -11.46
N PRO A 501 -23.97 -10.40 -10.58
CA PRO A 501 -24.14 -9.00 -10.97
C PRO A 501 -23.01 -8.61 -11.89
N PRO A 502 -23.25 -7.63 -12.78
CA PRO A 502 -22.18 -7.11 -13.64
C PRO A 502 -21.15 -6.34 -12.82
N TYR A 503 -19.93 -6.26 -13.32
CA TYR A 503 -18.92 -5.45 -12.66
C TYR A 503 -19.13 -3.99 -13.07
N THR A 504 -19.07 -3.09 -12.09
CA THR A 504 -19.29 -1.68 -12.34
C THR A 504 -18.31 -0.82 -11.57
N THR A 505 -17.93 0.31 -12.14
CA THR A 505 -16.99 1.19 -11.47
C THR A 505 -17.53 1.59 -10.11
N ALA A 506 -18.85 1.71 -9.99
CA ALA A 506 -19.46 2.09 -8.72
C ALA A 506 -19.34 1.02 -7.63
N ALA A 507 -19.49 -0.26 -7.99
CA ALA A 507 -19.49 -1.31 -6.97
C ALA A 507 -18.46 -2.44 -7.17
N GLN A 508 -17.82 -2.46 -8.33
CA GLN A 508 -16.70 -3.37 -8.55
C GLN A 508 -17.02 -4.79 -8.11
N GLN A 509 -18.28 -5.16 -8.29
CA GLN A 509 -18.75 -6.50 -7.95
C GLN A 509 -18.24 -7.60 -8.87
N TYR A 510 -18.00 -8.76 -8.27
CA TYR A 510 -17.55 -9.93 -9.01
C TYR A 510 -17.81 -11.18 -8.17
N VAL A 511 -17.91 -12.34 -8.82
CA VAL A 511 -18.25 -13.56 -8.09
C VAL A 511 -17.08 -14.53 -7.90
N SER A 512 -17.15 -15.29 -6.82
CA SER A 512 -16.25 -16.41 -6.60
C SER A 512 -16.78 -17.66 -7.31
N LEU A 513 -15.89 -18.34 -8.05
CA LEU A 513 -16.24 -19.61 -8.71
C LEU A 513 -15.56 -20.81 -8.02
N ASN A 514 -16.38 -21.58 -7.29
CA ASN A 514 -15.93 -22.77 -6.57
C ASN A 514 -17.11 -23.66 -6.24
N LEU A 515 -16.85 -24.73 -5.49
CA LEU A 515 -17.87 -25.73 -5.18
C LEU A 515 -19.09 -25.19 -4.46
N LYS A 516 -18.94 -24.08 -3.77
CA LYS A 516 -20.04 -23.46 -3.07
C LYS A 516 -20.80 -22.54 -4.01
N PRO A 517 -22.07 -22.29 -3.71
CA PRO A 517 -22.87 -21.44 -4.58
C PRO A 517 -22.19 -20.10 -4.75
N LEU A 518 -22.49 -19.39 -5.83
CA LEU A 518 -21.90 -18.09 -6.14
C LEU A 518 -21.90 -17.10 -4.98
N GLU A 519 -20.73 -16.53 -4.70
CA GLU A 519 -20.62 -15.47 -3.70
C GLU A 519 -20.20 -14.17 -4.38
N VAL A 520 -20.85 -13.07 -4.03
CA VAL A 520 -20.50 -11.80 -4.68
C VAL A 520 -19.52 -11.00 -3.85
N ARG A 521 -18.48 -10.49 -4.51
CA ARG A 521 -17.44 -9.73 -3.82
C ARG A 521 -17.23 -8.36 -4.48
N ARG A 522 -16.66 -7.44 -3.71
CA ARG A 522 -16.39 -6.10 -4.20
C ARG A 522 -14.88 -5.81 -4.27
N GLY A 523 -14.42 -5.42 -5.45
CA GLY A 523 -13.05 -4.96 -5.65
C GLY A 523 -11.99 -5.99 -6.02
N LEU A 524 -11.63 -6.04 -7.30
CA LEU A 524 -10.53 -6.87 -7.76
C LEU A 524 -9.21 -6.36 -7.22
N ARG A 525 -8.69 -7.00 -6.16
CA ARG A 525 -7.46 -6.56 -5.51
C ARG A 525 -7.27 -5.06 -5.69
N ALA A 526 -8.33 -4.33 -5.35
CA ALA A 526 -8.46 -2.89 -5.59
C ALA A 526 -7.27 -2.04 -5.16
N GLN A 527 -6.91 -2.11 -3.87
CA GLN A 527 -5.80 -1.34 -3.32
C GLN A 527 -4.45 -1.66 -3.95
N THR A 528 -4.09 -2.94 -3.99
CA THR A 528 -2.83 -3.37 -4.62
C THR A 528 -2.77 -3.04 -6.11
N CYS A 529 -3.92 -2.97 -6.77
CA CYS A 529 -3.94 -2.65 -8.19
C CYS A 529 -3.88 -1.16 -8.44
N ALA A 530 -4.24 -0.37 -7.44
CA ALA A 530 -4.01 1.06 -7.51
C ALA A 530 -2.51 1.29 -7.60
N PHE A 531 -1.75 0.44 -6.92
CA PHE A 531 -0.30 0.51 -6.92
C PHE A 531 0.25 0.25 -8.32
N TRP A 532 -0.05 -0.94 -8.85
CA TRP A 532 0.44 -1.34 -10.16
C TRP A 532 -0.14 -0.50 -11.28
N ASN A 533 -1.41 -0.17 -11.17
CA ASN A 533 -2.13 0.45 -12.29
C ASN A 533 -2.13 1.96 -12.27
N ARG A 534 -1.88 2.55 -11.10
CA ARG A 534 -1.98 3.99 -10.94
C ARG A 534 -0.68 4.65 -10.51
N PHE A 535 0.01 4.05 -9.55
CA PHE A 535 1.22 4.67 -9.07
C PHE A 535 2.43 4.36 -9.93
N LEU A 536 2.71 3.08 -10.12
CA LEU A 536 3.93 2.64 -10.79
C LEU A 536 4.24 3.33 -12.12
N PRO A 537 3.19 3.56 -12.93
CA PRO A 537 3.28 4.28 -14.20
C PRO A 537 3.68 5.74 -14.04
N LYS A 538 3.27 6.35 -12.94
CA LYS A 538 3.73 7.69 -12.60
C LYS A 538 5.19 7.66 -12.18
N LEU A 539 5.58 6.58 -11.51
CA LEU A 539 6.94 6.46 -10.99
C LEU A 539 7.96 6.47 -12.12
N LEU A 540 7.48 6.35 -13.35
CA LEU A 540 8.38 6.32 -14.49
C LEU A 540 8.03 7.39 -15.54
N SER A 541 6.75 7.79 -15.59
CA SER A 541 6.30 8.90 -16.43
C SER A 541 6.88 10.24 -15.95
N GLU B 4 3.19 29.87 61.33
CA GLU B 4 3.34 29.26 60.00
C GLU B 4 3.33 27.72 60.07
N ASP B 5 3.14 27.09 58.91
CA ASP B 5 3.05 25.62 58.84
C ASP B 5 4.35 25.02 58.35
N PRO B 6 5.00 24.21 59.20
CA PRO B 6 6.28 23.55 58.91
C PRO B 6 6.27 22.78 57.59
N GLN B 7 5.16 22.15 57.27
CA GLN B 7 5.06 21.35 56.05
C GLN B 7 5.03 22.19 54.79
N LEU B 8 5.15 23.50 54.96
CA LEU B 8 5.05 24.42 53.84
C LEU B 8 6.28 25.30 53.76
N LEU B 9 7.19 25.12 54.70
CA LEU B 9 8.46 25.82 54.67
C LEU B 9 9.56 24.88 54.19
N VAL B 10 10.29 25.28 53.15
CA VAL B 10 11.37 24.47 52.63
C VAL B 10 12.58 25.34 52.36
N ARG B 11 13.75 24.91 52.80
CA ARG B 11 14.98 25.59 52.43
C ARG B 11 15.69 24.88 51.30
N VAL B 12 15.79 25.57 50.16
CA VAL B 12 16.52 25.05 49.02
C VAL B 12 17.83 25.82 48.96
N ARG B 13 18.71 25.45 48.03
CA ARG B 13 20.02 26.07 47.90
C ARG B 13 20.01 27.60 47.76
N GLY B 14 18.89 28.18 47.35
CA GLY B 14 18.87 29.60 47.04
C GLY B 14 18.17 30.48 48.05
N GLY B 15 17.55 29.87 49.04
CA GLY B 15 16.81 30.62 50.02
C GLY B 15 15.66 29.81 50.56
N GLN B 16 14.71 30.47 51.20
CA GLN B 16 13.54 29.79 51.75
C GLN B 16 12.27 30.06 50.98
N LEU B 17 11.44 29.03 50.91
CA LEU B 17 10.21 29.06 50.16
C LEU B 17 9.07 28.77 51.10
N ARG B 18 7.90 29.30 50.76
CA ARG B 18 6.66 28.96 51.47
C ARG B 18 5.67 28.41 50.45
N GLY B 19 5.32 27.14 50.60
CA GLY B 19 4.35 26.54 49.71
C GLY B 19 2.96 26.79 50.23
N ILE B 20 1.99 26.17 49.58
CA ILE B 20 0.61 26.29 50.00
C ILE B 20 0.04 24.89 50.16
N ARG B 21 -0.93 24.74 51.06
CA ARG B 21 -1.61 23.47 51.28
C ARG B 21 -2.88 23.47 50.44
N LEU B 22 -2.96 22.50 49.52
CA LEU B 22 -4.08 22.44 48.59
C LEU B 22 -4.93 21.24 48.90
N LYS B 23 -6.22 21.36 48.65
CA LYS B 23 -7.15 20.26 48.89
C LYS B 23 -7.43 19.47 47.63
N ALA B 24 -6.85 18.27 47.55
CA ALA B 24 -7.24 17.32 46.53
C ALA B 24 -8.46 16.56 47.06
N PRO B 25 -9.17 15.85 46.18
CA PRO B 25 -10.42 15.21 46.57
C PRO B 25 -10.23 14.28 47.74
N GLY B 26 -9.06 13.63 47.80
CA GLY B 26 -8.86 12.56 48.73
C GLY B 26 -8.02 12.96 49.92
N GLY B 27 -7.50 14.18 49.87
CA GLY B 27 -6.68 14.70 50.95
C GLY B 27 -5.88 15.89 50.52
N PRO B 28 -5.09 16.46 51.44
CA PRO B 28 -4.31 17.65 51.09
C PRO B 28 -3.00 17.27 50.43
N VAL B 29 -2.40 18.23 49.73
CA VAL B 29 -1.08 18.07 49.15
C VAL B 29 -0.34 19.38 49.38
N SER B 30 0.98 19.31 49.55
CA SER B 30 1.82 20.51 49.63
C SER B 30 2.21 20.99 48.23
N ALA B 31 1.89 22.23 47.89
CA ALA B 31 2.32 22.79 46.61
C ALA B 31 3.20 24.04 46.71
N PHE B 32 4.19 24.09 45.82
CA PHE B 32 5.14 25.18 45.76
C PHE B 32 5.19 25.67 44.32
N LEU B 33 4.56 26.80 44.06
CA LEU B 33 4.43 27.28 42.69
C LEU B 33 5.20 28.56 42.51
N GLY B 34 5.63 28.80 41.29
CA GLY B 34 6.38 30.01 40.99
C GLY B 34 7.79 30.03 41.54
N ILE B 35 8.42 28.86 41.66
CA ILE B 35 9.80 28.84 42.12
C ILE B 35 10.75 29.21 40.98
N PRO B 36 11.54 30.26 41.21
CA PRO B 36 12.51 30.72 40.22
C PRO B 36 13.72 29.79 40.12
N PHE B 37 14.00 29.33 38.92
CA PHE B 37 15.21 28.54 38.71
C PHE B 37 16.27 29.27 37.88
N ALA B 38 15.96 30.46 37.39
CA ALA B 38 16.94 31.18 36.60
C ALA B 38 16.79 32.67 36.72
N GLU B 39 17.85 33.38 36.42
CA GLU B 39 17.74 34.81 36.26
C GLU B 39 16.84 35.10 35.06
N PRO B 40 15.81 35.93 35.26
CA PRO B 40 14.85 36.38 34.24
C PRO B 40 15.52 36.78 32.93
N PRO B 41 15.39 35.95 31.88
CA PRO B 41 16.14 36.22 30.65
C PRO B 41 15.48 37.33 29.86
N VAL B 42 15.48 38.55 30.40
CA VAL B 42 14.94 39.72 29.71
C VAL B 42 16.03 40.71 29.31
N GLY B 43 15.62 41.76 28.61
CA GLY B 43 16.56 42.76 28.15
C GLY B 43 17.64 42.16 27.25
N SER B 44 18.89 42.33 27.66
CA SER B 44 20.04 41.80 26.92
C SER B 44 20.15 40.30 27.10
N ARG B 45 19.31 39.73 27.96
CA ARG B 45 19.40 38.32 28.21
C ARG B 45 18.46 37.52 27.30
N ARG B 46 17.77 38.24 26.43
CA ARG B 46 16.94 37.64 25.41
C ARG B 46 17.77 36.78 24.46
N PHE B 47 17.24 35.62 24.08
CA PHE B 47 17.92 34.69 23.17
C PHE B 47 19.13 34.02 23.83
N MET B 48 19.51 34.47 25.02
CA MET B 48 20.70 33.95 25.64
C MET B 48 20.42 32.70 26.46
N PRO B 49 21.42 31.82 26.60
CA PRO B 49 21.24 30.71 27.53
C PRO B 49 20.81 31.26 28.89
N PRO B 50 20.12 30.45 29.69
CA PRO B 50 19.73 30.84 31.05
C PRO B 50 20.87 30.75 32.06
N GLU B 51 20.86 31.66 33.02
CA GLU B 51 21.80 31.62 34.14
C GLU B 51 21.08 31.24 35.42
N PRO B 52 21.73 30.39 36.23
CA PRO B 52 21.17 29.94 37.52
C PRO B 52 20.72 31.12 38.38
N LYS B 53 19.56 31.01 39.01
CA LYS B 53 18.98 32.11 39.79
C LYS B 53 19.76 32.48 41.05
N ARG B 54 20.03 33.77 41.23
CA ARG B 54 20.75 34.23 42.41
C ARG B 54 19.99 33.94 43.71
N PRO B 55 20.73 33.75 44.80
CA PRO B 55 20.11 33.53 46.11
C PRO B 55 19.24 34.70 46.52
N TRP B 56 18.34 34.46 47.47
CA TRP B 56 17.44 35.50 47.96
C TRP B 56 17.37 35.54 49.48
N SER B 57 16.87 36.67 49.98
CA SER B 57 16.71 36.91 51.40
C SER B 57 15.29 36.58 51.82
N GLY B 58 15.08 36.38 53.11
CA GLY B 58 13.76 36.14 53.66
C GLY B 58 13.08 34.89 53.13
N VAL B 59 11.76 34.90 53.22
CA VAL B 59 10.94 33.79 52.76
C VAL B 59 10.14 34.19 51.55
N LEU B 60 10.59 33.68 50.40
CA LEU B 60 9.93 33.84 49.11
C LEU B 60 8.59 33.10 49.03
N ASP B 61 7.55 33.82 48.61
CA ASP B 61 6.22 33.24 48.49
C ASP B 61 6.07 32.38 47.24
N ALA B 62 5.97 31.06 47.45
CA ALA B 62 5.82 30.11 46.35
C ALA B 62 4.48 29.40 46.44
N THR B 63 3.41 30.18 46.59
CA THR B 63 2.09 29.61 46.76
C THR B 63 1.21 29.94 45.58
N THR B 64 1.78 30.48 44.52
CA THR B 64 1.00 30.96 43.39
C THR B 64 1.74 30.82 42.05
N PHE B 65 1.00 30.55 40.97
CA PHE B 65 1.61 30.35 39.65
C PHE B 65 2.24 31.61 39.09
N GLN B 66 3.47 31.47 38.63
CA GLN B 66 4.16 32.60 38.01
C GLN B 66 3.68 32.83 36.59
N ASN B 67 4.25 33.85 35.95
CA ASN B 67 3.81 34.23 34.61
C ASN B 67 4.10 33.21 33.56
N VAL B 68 3.39 33.33 32.44
CA VAL B 68 3.57 32.44 31.32
C VAL B 68 4.56 33.05 30.35
N CYS B 69 5.49 32.22 29.88
CA CYS B 69 6.47 32.65 28.89
C CYS B 69 5.78 33.28 27.68
N TYR B 70 6.38 34.33 27.13
CA TYR B 70 5.73 35.09 26.07
C TYR B 70 5.54 34.28 24.78
N GLN B 71 4.30 34.23 24.32
CA GLN B 71 3.95 33.37 23.20
C GLN B 71 2.73 33.90 22.50
N TYR B 72 2.58 33.46 21.27
CA TYR B 72 1.33 33.60 20.54
C TYR B 72 0.16 32.97 21.29
N VAL B 73 -0.97 33.67 21.29
CA VAL B 73 -2.20 33.14 21.85
C VAL B 73 -3.23 32.87 20.74
N ASP B 74 -3.83 31.69 20.80
CA ASP B 74 -4.76 31.24 19.77
C ASP B 74 -6.12 31.93 19.85
N THR B 75 -6.75 32.19 18.71
CA THR B 75 -7.98 32.99 18.69
C THR B 75 -8.98 32.53 17.64
N LEU B 76 -8.87 31.27 17.26
CA LEU B 76 -9.65 30.72 16.18
C LEU B 76 -11.09 30.47 16.62
N TYR B 77 -11.25 30.05 17.87
CA TYR B 77 -12.58 29.83 18.42
C TYR B 77 -12.60 30.47 19.80
N PRO B 78 -12.63 31.80 19.84
CA PRO B 78 -12.55 32.59 21.07
C PRO B 78 -13.61 32.17 22.07
N GLY B 79 -13.22 31.91 23.31
CA GLY B 79 -14.16 31.51 24.34
C GLY B 79 -14.60 30.05 24.28
N PHE B 80 -13.88 29.23 23.53
CA PHE B 80 -14.25 27.81 23.39
C PHE B 80 -13.31 26.90 24.18
N GLU B 81 -13.89 26.17 25.13
CA GLU B 81 -13.12 25.31 26.05
C GLU B 81 -12.06 24.44 25.37
N GLY B 82 -12.39 23.90 24.19
CA GLY B 82 -11.48 23.02 23.49
C GLY B 82 -10.17 23.66 23.09
N THR B 83 -10.15 24.98 22.95
CA THR B 83 -8.92 25.67 22.54
C THR B 83 -8.32 26.47 23.68
N GLU B 84 -9.18 26.93 24.58
CA GLU B 84 -8.76 27.79 25.67
C GLU B 84 -7.99 27.00 26.70
N MET B 85 -8.38 25.75 26.87
CA MET B 85 -7.77 24.90 27.86
C MET B 85 -6.26 24.82 27.63
N TRP B 86 -5.84 25.22 26.43
CA TRP B 86 -4.42 25.28 26.08
C TRP B 86 -3.84 26.69 26.10
N ASN B 87 -4.71 27.71 26.09
CA ASN B 87 -4.22 29.08 26.15
C ASN B 87 -3.65 29.43 27.52
N PRO B 88 -2.86 30.52 27.58
CA PRO B 88 -2.27 30.97 28.85
C PRO B 88 -3.33 31.37 29.87
N ASN B 89 -3.10 31.01 31.13
CA ASN B 89 -4.03 31.33 32.20
C ASN B 89 -3.37 32.18 33.29
N ARG B 90 -2.31 32.89 32.91
CA ARG B 90 -1.63 33.87 33.75
C ARG B 90 -1.10 34.95 32.80
N GLU B 91 -0.67 36.09 33.32
CA GLU B 91 -0.14 37.14 32.45
C GLU B 91 1.06 36.63 31.64
N LEU B 92 1.27 37.21 30.46
CA LEU B 92 2.43 36.90 29.64
C LEU B 92 3.62 37.75 30.05
N SER B 93 4.78 37.12 30.20
CA SER B 93 6.02 37.83 30.51
C SER B 93 7.25 37.08 30.03
N GLU B 94 8.25 37.82 29.57
CA GLU B 94 9.52 37.21 29.23
C GLU B 94 10.16 36.70 30.51
N ASP B 95 9.74 37.28 31.62
CA ASP B 95 10.20 36.87 32.93
C ASP B 95 9.32 35.70 33.31
N CYS B 96 9.69 34.50 32.86
CA CYS B 96 8.83 33.33 33.05
C CYS B 96 9.55 32.09 33.55
N LEU B 97 10.82 32.20 33.91
CA LEU B 97 11.59 31.01 34.25
C LEU B 97 11.34 30.50 35.70
N TYR B 98 10.26 29.75 35.86
CA TYR B 98 9.82 29.36 37.18
C TYR B 98 9.34 27.95 37.09
N LEU B 99 9.37 27.26 38.21
CA LEU B 99 8.89 25.88 38.22
C LEU B 99 7.96 25.63 39.38
N ASN B 100 7.39 24.43 39.38
CA ASN B 100 6.35 24.05 40.31
C ASN B 100 6.61 22.64 40.82
N VAL B 101 6.43 22.45 42.12
CA VAL B 101 6.61 21.14 42.75
C VAL B 101 5.37 20.82 43.56
N TRP B 102 4.74 19.69 43.27
CA TRP B 102 3.71 19.15 44.15
C TRP B 102 4.26 17.93 44.89
N THR B 103 3.82 17.76 46.12
CA THR B 103 4.19 16.58 46.92
C THR B 103 3.08 16.22 47.89
N PRO B 104 3.10 15.00 48.42
CA PRO B 104 2.06 14.67 49.39
C PRO B 104 2.21 15.47 50.68
N TYR B 105 1.13 15.52 51.44
CA TYR B 105 1.05 16.26 52.69
C TYR B 105 0.51 15.28 53.74
N PRO B 106 1.33 14.96 54.76
CA PRO B 106 2.66 15.54 54.97
C PRO B 106 3.64 15.05 53.92
N ARG B 107 4.67 15.85 53.65
CA ARG B 107 5.66 15.51 52.65
C ARG B 107 6.25 14.12 52.92
N PRO B 108 6.62 13.40 51.86
CA PRO B 108 7.04 12.00 51.95
C PRO B 108 8.05 11.75 53.08
N ALA B 109 7.93 10.61 53.74
CA ALA B 109 8.85 10.27 54.82
C ALA B 109 10.17 9.70 54.27
N SER B 110 10.06 8.88 53.22
CA SER B 110 11.23 8.34 52.56
C SER B 110 11.26 8.82 51.13
N PRO B 111 12.46 8.94 50.54
CA PRO B 111 12.69 9.50 49.20
C PRO B 111 11.74 8.97 48.12
N THR B 112 10.92 9.88 47.58
CA THR B 112 9.91 9.51 46.59
C THR B 112 10.46 9.67 45.18
N PRO B 113 10.14 8.73 44.28
CA PRO B 113 10.43 8.93 42.86
C PRO B 113 9.82 10.24 42.32
N VAL B 114 10.56 10.91 41.43
CA VAL B 114 10.15 12.20 40.88
C VAL B 114 9.62 12.11 39.46
N LEU B 115 8.45 12.67 39.21
CA LEU B 115 8.00 12.87 37.84
C LEU B 115 8.33 14.30 37.43
N ILE B 116 8.95 14.47 36.27
CA ILE B 116 9.12 15.80 35.73
C ILE B 116 8.43 15.90 34.40
N TRP B 117 7.42 16.78 34.37
CA TRP B 117 6.60 17.06 33.18
C TRP B 117 7.18 18.18 32.34
N ILE B 118 7.18 17.98 31.03
CA ILE B 118 7.54 19.04 30.09
C ILE B 118 6.38 19.28 29.10
N TYR B 119 5.82 20.48 29.08
CA TYR B 119 4.63 20.70 28.24
C TYR B 119 4.93 20.72 26.74
N GLY B 120 3.85 20.70 25.96
CA GLY B 120 3.92 20.87 24.52
C GLY B 120 3.26 22.18 24.10
N GLY B 121 2.93 22.28 22.81
CA GLY B 121 2.55 23.57 22.25
C GLY B 121 3.43 23.92 21.06
N GLY B 122 3.97 22.89 20.41
CA GLY B 122 4.79 23.05 19.21
C GLY B 122 5.98 24.00 19.34
N PHE B 123 6.52 24.09 20.54
CA PHE B 123 7.66 24.96 20.82
C PHE B 123 7.36 26.41 20.67
N TYR B 124 6.07 26.75 20.60
CA TYR B 124 5.68 28.14 20.39
C TYR B 124 4.67 28.61 21.44
N SER B 125 4.12 27.65 22.17
CA SER B 125 3.20 27.96 23.24
C SER B 125 3.36 26.97 24.40
N GLY B 126 2.54 27.12 25.45
CA GLY B 126 2.54 26.20 26.57
C GLY B 126 2.91 26.84 27.89
N ALA B 127 2.51 26.17 28.98
CA ALA B 127 2.69 26.68 30.34
C ALA B 127 2.40 25.58 31.32
N ALA B 128 3.10 25.59 32.46
CA ALA B 128 2.93 24.56 33.50
C ALA B 128 1.76 24.86 34.42
N SER B 129 1.08 25.96 34.15
CA SER B 129 -0.02 26.40 35.01
C SER B 129 -1.40 25.93 34.53
N LEU B 130 -1.45 25.43 33.31
CA LEU B 130 -2.65 24.88 32.74
C LEU B 130 -3.30 23.92 33.72
N ASP B 131 -4.63 24.03 33.87
CA ASP B 131 -5.39 23.10 34.71
C ASP B 131 -5.12 21.64 34.34
N VAL B 132 -4.93 21.36 33.05
CA VAL B 132 -4.70 20.01 32.58
C VAL B 132 -3.41 19.41 33.12
N TYR B 133 -2.56 20.25 33.69
CA TYR B 133 -1.24 19.80 34.10
C TYR B 133 -1.16 19.82 35.61
N ASP B 134 -2.33 19.95 36.23
CA ASP B 134 -2.43 20.00 37.69
C ASP B 134 -1.84 18.74 38.34
N GLY B 135 -0.81 18.94 39.17
CA GLY B 135 -0.09 17.81 39.74
C GLY B 135 -0.63 17.28 41.05
N ARG B 136 -1.72 17.86 41.54
CA ARG B 136 -2.18 17.52 42.87
C ARG B 136 -2.63 16.07 42.95
N PHE B 137 -3.28 15.60 41.91
CA PHE B 137 -3.91 14.28 41.94
C PHE B 137 -2.90 13.16 42.03
N LEU B 138 -1.85 13.23 41.22
CA LEU B 138 -0.82 12.21 41.23
C LEU B 138 -0.08 12.22 42.57
N ALA B 139 0.21 13.42 43.05
CA ALA B 139 0.89 13.59 44.32
C ALA B 139 0.06 12.99 45.42
N GLN B 140 -1.24 13.21 45.34
CA GLN B 140 -2.14 12.83 46.43
C GLN B 140 -2.42 11.34 46.38
N VAL B 141 -2.82 10.87 45.21
CA VAL B 141 -3.28 9.51 45.02
C VAL B 141 -2.15 8.50 44.97
N GLU B 142 -1.11 8.84 44.20
CA GLU B 142 0.04 7.95 44.01
C GLU B 142 1.20 8.36 44.89
N GLY B 143 1.02 9.46 45.62
CA GLY B 143 2.05 9.98 46.50
C GLY B 143 3.33 10.30 45.77
N ALA B 144 3.21 10.65 44.49
CA ALA B 144 4.35 11.08 43.69
C ALA B 144 4.81 12.50 44.03
N VAL B 145 6.12 12.73 43.96
CA VAL B 145 6.61 14.10 43.87
C VAL B 145 6.69 14.49 42.40
N LEU B 146 5.98 15.54 42.04
CA LEU B 146 5.85 15.94 40.65
C LEU B 146 6.29 17.38 40.38
N VAL B 147 7.15 17.54 39.38
CA VAL B 147 7.72 18.84 39.04
C VAL B 147 7.40 19.27 37.62
N SER B 148 7.13 20.57 37.43
CA SER B 148 6.90 21.13 36.09
C SER B 148 7.48 22.53 35.98
N MET B 149 8.20 22.79 34.88
CA MET B 149 8.87 24.07 34.66
C MET B 149 8.30 24.80 33.46
N ASN B 150 8.46 26.12 33.45
CA ASN B 150 8.19 26.89 32.25
C ASN B 150 9.50 27.00 31.54
N TYR B 151 9.46 26.90 30.21
CA TYR B 151 10.64 27.12 29.40
C TYR B 151 10.29 28.06 28.24
N ARG B 152 11.28 28.82 27.75
CA ARG B 152 11.04 29.80 26.68
C ARG B 152 10.60 29.17 25.36
N VAL B 153 9.47 29.63 24.85
CA VAL B 153 8.95 29.14 23.58
C VAL B 153 9.08 30.18 22.46
N GLY B 154 8.80 29.76 21.23
CA GLY B 154 8.82 30.66 20.09
C GLY B 154 10.16 31.35 19.90
N THR B 155 10.13 32.57 19.37
CA THR B 155 11.37 33.29 19.08
C THR B 155 12.24 33.43 20.32
N PHE B 156 11.60 33.60 21.47
CA PHE B 156 12.36 33.85 22.69
C PHE B 156 13.15 32.64 23.16
N GLY B 157 12.68 31.45 22.81
CA GLY B 157 13.33 30.23 23.25
C GLY B 157 14.14 29.55 22.16
N PHE B 158 13.74 29.75 20.91
CA PHE B 158 14.38 29.03 19.80
C PHE B 158 14.80 29.86 18.60
N LEU B 159 14.78 31.18 18.70
CA LEU B 159 15.41 31.93 17.61
C LEU B 159 16.93 31.74 17.69
N ALA B 160 17.51 31.31 16.58
CA ALA B 160 18.94 31.01 16.52
C ALA B 160 19.58 31.58 15.28
N LEU B 161 20.75 32.17 15.48
CA LEU B 161 21.68 32.46 14.41
C LEU B 161 22.88 31.57 14.65
N PRO B 162 22.82 30.34 14.14
CA PRO B 162 23.78 29.29 14.51
C PRO B 162 25.21 29.79 14.44
N GLY B 163 25.97 29.51 15.48
CA GLY B 163 27.37 29.90 15.54
C GLY B 163 27.59 31.31 16.05
N SER B 164 26.50 32.02 16.29
CA SER B 164 26.61 33.34 16.89
C SER B 164 26.70 33.18 18.39
N ARG B 165 27.28 34.16 19.05
CA ARG B 165 27.49 34.08 20.48
C ARG B 165 26.23 34.51 21.20
N GLU B 166 25.48 35.42 20.57
CA GLU B 166 24.37 36.09 21.24
C GLU B 166 22.99 35.49 20.96
N ALA B 167 22.98 34.39 20.21
CA ALA B 167 21.75 33.69 19.85
C ALA B 167 22.08 32.33 19.26
N PRO B 168 22.66 31.44 20.08
CA PRO B 168 23.17 30.17 19.56
C PRO B 168 22.07 29.13 19.42
N GLY B 169 20.85 29.50 19.79
CA GLY B 169 19.71 28.60 19.68
C GLY B 169 19.60 27.59 20.81
N ASN B 170 18.47 26.89 20.80
CA ASN B 170 18.17 25.83 21.77
C ASN B 170 18.03 26.30 23.23
N VAL B 171 18.02 27.60 23.46
CA VAL B 171 17.97 28.08 24.85
C VAL B 171 16.71 27.63 25.61
N GLY B 172 15.61 27.43 24.90
CA GLY B 172 14.44 26.90 25.57
C GLY B 172 14.75 25.53 26.14
N LEU B 173 15.61 24.79 25.46
CA LEU B 173 15.92 23.43 25.91
C LEU B 173 16.92 23.51 27.05
N LEU B 174 17.81 24.50 26.97
CA LEU B 174 18.64 24.83 28.11
C LEU B 174 17.84 25.25 29.36
N ASP B 175 16.74 25.96 29.17
CA ASP B 175 15.88 26.31 30.28
C ASP B 175 15.41 25.04 31.00
N GLN B 176 14.93 24.08 30.22
CA GLN B 176 14.56 22.76 30.73
C GLN B 176 15.76 22.06 31.39
N ARG B 177 16.89 22.01 30.70
CA ARG B 177 18.05 21.34 31.26
C ARG B 177 18.38 21.92 32.64
N LEU B 178 18.09 23.22 32.83
CA LEU B 178 18.49 23.88 34.07
C LEU B 178 17.53 23.59 35.20
N ALA B 179 16.32 23.20 34.85
CA ALA B 179 15.34 22.91 35.87
C ALA B 179 15.60 21.45 36.28
N LEU B 180 15.92 20.65 35.28
CA LEU B 180 16.50 19.35 35.52
C LEU B 180 17.63 19.40 36.57
N GLN B 181 18.58 20.31 36.40
CA GLN B 181 19.65 20.50 37.38
C GLN B 181 19.12 20.91 38.74
N TRP B 182 18.14 21.81 38.71
CA TRP B 182 17.59 22.36 39.94
C TRP B 182 17.02 21.22 40.78
N VAL B 183 16.28 20.35 40.10
CA VAL B 183 15.69 19.18 40.71
C VAL B 183 16.75 18.26 41.34
N GLN B 184 17.91 18.17 40.70
CA GLN B 184 18.99 17.34 41.24
C GLN B 184 19.53 17.92 42.53
N GLU B 185 19.59 19.25 42.59
CA GLU B 185 20.26 19.94 43.68
C GLU B 185 19.32 20.18 44.87
N ASN B 186 18.03 20.13 44.61
CA ASN B 186 17.04 20.65 45.55
C ASN B 186 15.92 19.71 45.93
N ILE B 187 15.54 18.83 45.01
CA ILE B 187 14.34 18.01 45.18
C ILE B 187 14.36 17.16 46.46
N ALA B 188 15.53 16.66 46.84
CA ALA B 188 15.66 15.91 48.08
C ALA B 188 15.00 16.65 49.23
N ALA B 189 15.02 17.97 49.18
CA ALA B 189 14.52 18.74 50.32
C ALA B 189 13.02 18.53 50.45
N PHE B 190 12.36 18.32 49.32
CA PHE B 190 10.92 18.09 49.32
C PHE B 190 10.58 16.62 49.54
N GLY B 191 11.59 15.79 49.78
CA GLY B 191 11.38 14.36 49.94
C GLY B 191 11.58 13.56 48.67
N GLY B 192 11.76 14.23 47.54
CA GLY B 192 11.98 13.57 46.25
C GLY B 192 13.35 12.90 46.11
N ASP B 193 13.41 11.84 45.31
CA ASP B 193 14.64 11.03 45.15
C ASP B 193 15.41 11.43 43.89
N PRO B 194 16.46 12.27 44.05
CA PRO B 194 17.20 12.71 42.86
C PRO B 194 17.74 11.53 42.08
N MET B 195 17.71 10.35 42.69
CA MET B 195 18.22 9.16 42.02
C MET B 195 17.16 8.36 41.26
N SER B 196 15.94 8.88 41.22
CA SER B 196 14.84 8.29 40.46
C SER B 196 13.97 9.39 39.82
N VAL B 197 14.45 9.92 38.70
CA VAL B 197 13.74 11.00 38.03
C VAL B 197 13.29 10.58 36.64
N THR B 198 11.98 10.38 36.50
CA THR B 198 11.40 10.15 35.20
C THR B 198 10.92 11.45 34.55
N LEU B 199 11.30 11.68 33.29
CA LEU B 199 10.71 12.77 32.50
C LEU B 199 9.50 12.32 31.70
N PHE B 200 8.42 13.10 31.73
CA PHE B 200 7.38 12.87 30.74
C PHE B 200 6.89 14.14 30.05
N GLY B 201 6.40 13.98 28.82
CA GLY B 201 5.92 15.10 28.05
C GLY B 201 5.12 14.71 26.84
N GLU B 202 4.33 15.64 26.33
CA GLU B 202 3.52 15.40 25.14
C GLU B 202 3.69 16.46 24.02
N SER B 203 3.41 16.07 22.78
CA SER B 203 3.64 16.91 21.61
C SER B 203 5.07 17.46 21.67
N ALA B 204 5.24 18.80 21.66
CA ALA B 204 6.59 19.36 21.69
C ALA B 204 7.35 18.84 22.91
N GLY B 205 6.63 18.65 24.00
CA GLY B 205 7.18 18.08 25.23
C GLY B 205 7.81 16.70 25.09
N ALA B 206 7.12 15.78 24.41
CA ALA B 206 7.67 14.45 24.17
C ALA B 206 8.99 14.55 23.42
N ALA B 207 9.05 15.48 22.48
CA ALA B 207 10.26 15.71 21.69
C ALA B 207 11.43 16.27 22.50
N SER B 208 11.13 17.11 23.49
CA SER B 208 12.18 17.64 24.35
C SER B 208 12.75 16.48 25.14
N VAL B 209 11.89 15.74 25.82
CA VAL B 209 12.31 14.48 26.44
C VAL B 209 13.28 13.72 25.53
N GLY B 210 12.84 13.40 24.32
CA GLY B 210 13.70 12.77 23.33
C GLY B 210 15.03 13.47 23.11
N MET B 211 14.98 14.79 23.11
CA MET B 211 16.20 15.56 22.87
C MET B 211 17.13 15.55 24.06
N HIS B 212 16.59 15.37 25.25
CA HIS B 212 17.41 15.18 26.44
C HIS B 212 18.05 13.79 26.43
N ILE B 213 17.28 12.81 25.98
CA ILE B 213 17.83 11.47 25.82
C ILE B 213 19.05 11.55 24.92
N LEU B 214 18.94 12.40 23.90
CA LEU B 214 19.92 12.47 22.83
C LEU B 214 21.02 13.48 23.05
N SER B 215 20.99 14.20 24.17
CA SER B 215 22.05 15.16 24.47
C SER B 215 22.80 14.80 25.72
N LEU B 216 24.09 14.50 25.57
CA LEU B 216 24.87 13.93 26.65
C LEU B 216 24.83 14.71 27.95
N PRO B 217 24.97 16.04 27.87
CA PRO B 217 24.87 16.86 29.10
C PRO B 217 23.62 16.57 29.93
N SER B 218 22.55 16.08 29.32
CA SER B 218 21.31 15.77 30.07
C SER B 218 21.21 14.37 30.66
N ARG B 219 21.92 13.40 30.07
N ARG B 219 21.92 13.40 30.08
CA ARG B 219 21.73 11.99 30.44
CA ARG B 219 21.73 12.00 30.46
C ARG B 219 22.09 11.69 31.90
C ARG B 219 22.12 11.68 31.90
N SER B 220 22.58 12.69 32.63
CA SER B 220 22.88 12.50 34.05
C SER B 220 21.86 13.16 34.99
N LEU B 221 20.84 13.80 34.42
CA LEU B 221 19.78 14.44 35.19
C LEU B 221 18.49 13.61 35.29
N PHE B 222 18.41 12.52 34.53
CA PHE B 222 17.23 11.65 34.63
C PHE B 222 17.55 10.17 34.36
N HIS B 223 16.61 9.29 34.68
CA HIS B 223 16.81 7.85 34.56
C HIS B 223 15.77 7.14 33.69
N ARG B 224 14.70 7.85 33.35
CA ARG B 224 13.59 7.26 32.60
C ARG B 224 12.85 8.33 31.79
N ALA B 225 12.18 7.91 30.72
CA ALA B 225 11.45 8.87 29.92
C ALA B 225 10.12 8.36 29.44
N VAL B 226 9.19 9.28 29.26
CA VAL B 226 7.91 8.98 28.66
C VAL B 226 7.69 10.04 27.62
N LEU B 227 7.44 9.60 26.40
CA LEU B 227 7.22 10.51 25.31
C LEU B 227 5.81 10.27 24.77
N GLN B 228 4.93 11.23 24.98
CA GLN B 228 3.56 11.06 24.55
C GLN B 228 3.27 11.88 23.31
N SER B 229 2.98 11.22 22.20
CA SER B 229 2.50 11.92 21.01
C SER B 229 3.51 12.89 20.43
N GLY B 230 4.77 12.53 20.49
CA GLY B 230 5.85 13.38 20.02
C GLY B 230 7.20 12.71 20.13
N THR B 231 8.13 13.09 19.24
CA THR B 231 9.47 12.52 19.15
C THR B 231 10.46 13.56 18.72
N PRO B 232 11.76 13.35 19.01
CA PRO B 232 12.81 14.25 18.52
C PRO B 232 12.99 14.12 17.01
N ASN B 233 12.95 12.89 16.51
CA ASN B 233 12.94 12.67 15.07
C ASN B 233 11.66 13.21 14.43
N GLY B 234 11.64 13.25 13.11
CA GLY B 234 10.43 13.65 12.42
C GLY B 234 10.47 15.02 11.78
N PRO B 235 9.43 15.32 10.98
CA PRO B 235 9.40 16.46 10.07
C PRO B 235 9.28 17.82 10.74
N TRP B 236 8.84 17.88 11.98
CA TRP B 236 8.52 19.16 12.61
C TRP B 236 9.34 19.59 13.83
N ALA B 237 10.07 18.67 14.46
CA ALA B 237 10.62 18.98 15.77
C ALA B 237 11.99 19.67 15.72
N THR B 238 12.64 19.63 14.57
CA THR B 238 13.92 20.30 14.38
C THR B 238 14.07 20.98 13.02
N VAL B 239 15.00 21.92 12.98
CA VAL B 239 15.41 22.47 11.71
C VAL B 239 16.93 22.36 11.62
N SER B 240 17.41 22.49 10.39
CA SER B 240 18.82 22.63 10.11
C SER B 240 19.29 24.02 10.51
N ALA B 241 20.61 24.16 10.71
CA ALA B 241 21.21 25.44 11.04
C ALA B 241 20.89 26.46 9.95
N GLY B 242 20.88 25.99 8.71
CA GLY B 242 20.67 26.87 7.58
C GLY B 242 19.24 27.33 7.52
N GLU B 243 18.33 26.47 7.95
CA GLU B 243 16.93 26.83 7.94
C GLU B 243 16.61 27.78 9.09
N ALA B 244 17.25 27.55 10.24
CA ALA B 244 17.07 28.42 11.40
C ALA B 244 17.58 29.81 11.07
N ARG B 245 18.86 29.89 10.69
CA ARG B 245 19.43 31.14 10.26
C ARG B 245 18.52 31.90 9.29
N ARG B 246 17.83 31.14 8.44
CA ARG B 246 16.99 31.69 7.38
C ARG B 246 15.81 32.44 7.97
N ARG B 247 15.12 31.78 8.87
CA ARG B 247 13.94 32.36 9.49
C ARG B 247 14.28 33.53 10.40
N ALA B 248 15.32 33.38 11.23
CA ALA B 248 15.79 34.46 12.08
C ALA B 248 16.00 35.68 11.22
N THR B 249 16.84 35.51 10.21
CA THR B 249 17.13 36.60 9.30
C THR B 249 15.85 37.15 8.69
N LEU B 250 14.88 36.28 8.41
CA LEU B 250 13.68 36.73 7.71
C LEU B 250 12.84 37.57 8.64
N LEU B 251 12.70 37.08 9.86
CA LEU B 251 11.98 37.79 10.91
C LEU B 251 12.59 39.16 11.12
N ALA B 252 13.89 39.18 11.36
CA ALA B 252 14.59 40.42 11.61
C ALA B 252 14.26 41.40 10.50
N ARG B 253 14.26 40.91 9.27
CA ARG B 253 13.89 41.77 8.17
C ARG B 253 12.45 42.23 8.39
N LEU B 254 11.60 41.32 8.84
CA LEU B 254 10.18 41.63 8.95
C LEU B 254 9.82 42.71 9.98
N VAL B 255 10.68 42.90 10.97
CA VAL B 255 10.47 43.99 11.93
C VAL B 255 11.44 45.13 11.70
N GLY B 256 12.31 44.96 10.71
CA GLY B 256 13.18 46.04 10.28
C GLY B 256 14.56 46.08 10.89
N CYS B 257 15.31 45.00 10.81
CA CYS B 257 16.64 44.95 11.42
C CYS B 257 17.73 44.51 10.42
N ALA B 263 20.27 43.78 8.11
CA ALA B 263 20.84 43.30 6.84
C ALA B 263 22.36 43.20 6.90
N ALA B 264 22.91 43.22 8.11
CA ALA B 264 24.37 43.30 8.32
C ALA B 264 24.97 42.11 9.06
N ASN B 265 25.39 42.35 10.31
CA ASN B 265 26.15 41.39 11.10
C ASN B 265 25.26 40.62 12.10
N ASP B 266 25.69 39.43 12.52
CA ASP B 266 24.93 38.68 13.54
C ASP B 266 24.67 39.55 14.76
N THR B 267 25.74 40.09 15.32
CA THR B 267 25.68 40.92 16.51
C THR B 267 24.76 42.13 16.34
N GLU B 268 24.89 42.80 15.21
CA GLU B 268 24.08 43.99 14.97
C GLU B 268 22.62 43.57 14.92
N LEU B 269 22.34 42.52 14.16
CA LEU B 269 20.98 42.06 13.93
C LEU B 269 20.24 41.78 15.23
N ILE B 270 20.81 40.89 16.04
CA ILE B 270 20.20 40.44 17.28
C ILE B 270 20.08 41.60 18.25
N ALA B 271 21.02 42.53 18.14
CA ALA B 271 21.00 43.71 18.97
C ALA B 271 19.68 44.42 18.73
N CYS B 272 19.32 44.53 17.46
CA CYS B 272 18.12 45.26 17.09
C CYS B 272 16.86 44.47 17.51
N LEU B 273 16.87 43.18 17.24
CA LEU B 273 15.82 42.31 17.76
C LEU B 273 15.61 42.49 19.27
N ARG B 274 16.68 42.47 20.05
CA ARG B 274 16.60 42.65 21.50
C ARG B 274 15.87 43.93 21.92
N THR B 275 15.81 44.89 21.01
CA THR B 275 15.19 46.17 21.29
C THR B 275 13.75 46.21 20.79
N ARG B 276 13.14 45.04 20.63
CA ARG B 276 11.81 44.93 20.07
C ARG B 276 10.80 44.36 21.08
N PRO B 277 9.71 45.09 21.32
CA PRO B 277 8.66 44.59 22.22
C PRO B 277 8.25 43.16 21.85
N ALA B 278 7.90 42.36 22.85
CA ALA B 278 7.55 40.95 22.62
C ALA B 278 6.52 40.74 21.50
N GLN B 279 5.41 41.47 21.56
CA GLN B 279 4.32 41.32 20.60
C GLN B 279 4.76 41.54 19.16
N ASP B 280 5.75 42.40 18.95
CA ASP B 280 6.30 42.56 17.61
C ASP B 280 6.87 41.27 17.07
N LEU B 281 7.75 40.62 17.84
CA LEU B 281 8.27 39.30 17.44
C LEU B 281 7.15 38.29 17.13
N VAL B 282 6.21 38.15 18.06
CA VAL B 282 5.08 37.23 17.88
C VAL B 282 4.20 37.64 16.66
N ASP B 283 3.92 38.95 16.50
CA ASP B 283 3.24 39.48 15.29
C ASP B 283 3.67 38.87 13.95
N HIS B 284 4.96 38.49 13.84
CA HIS B 284 5.48 37.92 12.60
C HIS B 284 5.91 36.45 12.74
N GLU B 285 5.91 35.95 13.96
CA GLU B 285 6.41 34.61 14.19
C GLU B 285 6.05 33.64 13.06
N TRP B 286 4.82 33.77 12.57
CA TRP B 286 4.27 32.79 11.64
C TRP B 286 4.65 33.03 10.19
N HIS B 287 5.06 34.26 9.90
CA HIS B 287 5.27 34.64 8.51
C HIS B 287 6.54 34.05 7.90
N VAL B 288 7.37 33.43 8.73
CA VAL B 288 8.65 32.92 8.23
C VAL B 288 8.63 31.45 7.81
N LEU B 289 7.48 30.79 7.90
CA LEU B 289 7.43 29.42 7.41
C LEU B 289 7.67 29.45 5.92
N PRO B 290 8.38 28.42 5.41
CA PRO B 290 8.71 28.26 3.99
C PRO B 290 7.51 27.87 3.13
N GLN B 291 6.54 27.15 3.69
CA GLN B 291 5.34 26.78 2.94
C GLN B 291 4.07 26.98 3.76
N GLU B 292 2.97 27.16 3.05
CA GLU B 292 1.64 27.07 3.64
C GLU B 292 1.47 25.65 4.19
N SER B 293 1.62 25.50 5.50
CA SER B 293 1.58 24.16 6.10
C SER B 293 0.66 24.02 7.32
N ILE B 294 0.50 22.77 7.75
CA ILE B 294 0.01 22.50 9.09
C ILE B 294 0.97 21.57 9.77
N PHE B 295 0.91 21.56 11.10
CA PHE B 295 1.85 20.82 11.91
C PHE B 295 3.28 21.24 11.62
N ARG B 296 3.45 22.52 11.30
CA ARG B 296 4.75 23.13 11.14
C ARG B 296 4.84 24.32 12.08
N PHE B 297 6.02 24.54 12.68
CA PHE B 297 6.19 25.60 13.65
C PHE B 297 7.44 26.40 13.36
N SER B 298 7.39 27.71 13.58
CA SER B 298 8.44 28.61 13.10
C SER B 298 9.77 28.48 13.83
N PHE B 299 9.75 28.49 15.15
CA PHE B 299 11.01 28.42 15.87
C PHE B 299 11.07 27.20 16.77
N VAL B 300 11.84 26.22 16.32
CA VAL B 300 11.94 24.94 17.00
C VAL B 300 13.41 24.70 17.22
N PRO B 301 13.75 23.66 17.98
CA PRO B 301 15.15 23.30 18.18
C PRO B 301 15.91 23.27 16.87
N VAL B 302 17.21 23.51 16.93
CA VAL B 302 18.06 23.53 15.74
C VAL B 302 19.19 22.52 15.90
N VAL B 303 19.53 21.83 14.81
CA VAL B 303 20.67 20.93 14.84
C VAL B 303 21.96 21.74 14.78
N ASP B 304 22.50 22.07 15.95
CA ASP B 304 23.66 22.95 16.07
C ASP B 304 25.01 22.23 16.22
N GLY B 305 24.98 20.91 16.33
CA GLY B 305 26.19 20.15 16.58
C GLY B 305 26.71 20.43 17.99
N ASP B 306 25.82 20.89 18.86
CA ASP B 306 26.17 21.22 20.23
C ASP B 306 25.25 20.46 21.18
N PHE B 307 24.04 20.99 21.35
CA PHE B 307 23.04 20.31 22.16
C PHE B 307 22.72 19.02 21.44
N LEU B 308 22.64 19.12 20.13
CA LEU B 308 22.41 17.99 19.25
C LEU B 308 23.64 17.79 18.35
N SER B 309 24.45 16.78 18.63
CA SER B 309 25.65 16.50 17.83
C SER B 309 25.30 16.42 16.37
N ASP B 310 24.20 15.72 16.09
CA ASP B 310 23.76 15.48 14.73
C ASP B 310 22.25 15.52 14.71
N THR B 311 21.64 15.08 13.62
CA THR B 311 20.19 15.04 13.54
C THR B 311 19.66 13.94 14.46
N PRO B 312 18.45 14.13 14.99
CA PRO B 312 17.89 13.11 15.87
C PRO B 312 17.90 11.74 15.19
N GLU B 313 17.70 11.74 13.88
CA GLU B 313 17.64 10.49 13.12
CA GLU B 313 17.64 10.51 13.11
C GLU B 313 19.00 9.81 13.11
N ALA B 314 20.05 10.55 12.79
CA ALA B 314 21.40 10.00 12.84
C ALA B 314 21.63 9.48 14.24
N LEU B 315 21.12 10.21 15.22
CA LEU B 315 21.46 9.97 16.60
C LEU B 315 20.75 8.75 17.12
N ILE B 316 19.48 8.58 16.74
CA ILE B 316 18.77 7.39 17.16
C ILE B 316 19.22 6.21 16.32
N ASN B 317 19.64 6.48 15.10
CA ASN B 317 20.07 5.39 14.23
C ASN B 317 21.32 4.69 14.73
N THR B 318 22.08 5.35 15.59
CA THR B 318 23.33 4.76 16.04
C THR B 318 23.65 4.95 17.52
N GLY B 319 22.71 5.45 18.29
CA GLY B 319 22.97 5.59 19.72
C GLY B 319 23.01 4.23 20.39
N ASP B 320 23.61 4.16 21.57
CA ASP B 320 23.57 2.95 22.40
C ASP B 320 22.64 3.20 23.60
N PHE B 321 21.51 2.50 23.61
CA PHE B 321 20.53 2.70 24.65
C PHE B 321 20.44 1.55 25.65
N GLN B 322 21.54 0.80 25.76
CA GLN B 322 21.70 -0.28 26.73
C GLN B 322 20.95 -0.06 28.02
N ASP B 323 21.08 1.13 28.60
CA ASP B 323 20.55 1.34 29.95
C ASP B 323 19.33 2.23 30.03
N LEU B 324 18.59 2.34 28.92
CA LEU B 324 17.42 3.19 28.88
C LEU B 324 16.12 2.41 29.06
N GLN B 325 15.10 3.11 29.54
CA GLN B 325 13.75 2.59 29.67
C GLN B 325 12.76 3.69 29.28
N VAL B 326 11.82 3.37 28.40
CA VAL B 326 11.03 4.39 27.73
C VAL B 326 9.61 3.96 27.51
N LEU B 327 8.68 4.87 27.75
CA LEU B 327 7.28 4.66 27.45
C LEU B 327 6.88 5.60 26.33
N VAL B 328 6.37 5.02 25.24
CA VAL B 328 6.08 5.77 24.05
C VAL B 328 4.66 5.50 23.62
N GLY B 329 4.01 6.52 23.07
CA GLY B 329 2.62 6.34 22.70
C GLY B 329 1.98 7.40 21.85
N VAL B 330 0.83 7.04 21.29
CA VAL B 330 0.00 7.97 20.56
C VAL B 330 -1.45 7.87 20.96
N VAL B 331 -2.25 8.76 20.40
CA VAL B 331 -3.68 8.65 20.47
C VAL B 331 -4.24 8.18 19.12
N LYS B 332 -5.55 7.96 19.08
CA LYS B 332 -6.23 7.38 17.93
C LYS B 332 -6.36 8.35 16.75
N ASP B 333 -6.42 9.64 17.03
CA ASP B 333 -6.74 10.60 15.97
C ASP B 333 -5.78 11.78 15.96
N GLU B 334 -4.49 11.46 15.89
CA GLU B 334 -3.44 12.46 16.01
C GLU B 334 -3.61 13.66 15.08
N GLY B 335 -4.23 13.45 13.93
CA GLY B 335 -4.28 14.48 12.92
C GLY B 335 -5.47 15.43 13.00
N SER B 336 -6.58 14.94 13.53
CA SER B 336 -7.85 15.67 13.43
C SER B 336 -7.72 17.14 13.84
N TYR B 337 -7.28 17.36 15.08
CA TYR B 337 -7.14 18.68 15.67
C TYR B 337 -6.59 19.74 14.71
N PHE B 338 -5.60 19.36 13.92
CA PHE B 338 -4.86 20.33 13.08
C PHE B 338 -5.59 20.80 11.85
N LEU B 339 -6.46 19.94 11.33
CA LEU B 339 -7.15 20.22 10.09
C LEU B 339 -8.00 21.49 10.17
N VAL B 340 -8.66 21.73 11.30
CA VAL B 340 -9.57 22.89 11.39
C VAL B 340 -8.81 24.19 11.33
N TYR B 341 -7.48 24.08 11.31
CA TYR B 341 -6.64 25.26 11.37
C TYR B 341 -6.09 25.66 10.01
N GLY B 342 -6.95 25.67 9.00
CA GLY B 342 -6.57 26.22 7.72
C GLY B 342 -6.54 25.24 6.56
N VAL B 343 -7.07 24.05 6.79
CA VAL B 343 -7.18 23.06 5.74
C VAL B 343 -8.57 23.19 5.17
N PRO B 344 -8.67 23.71 3.95
CA PRO B 344 -9.92 24.09 3.27
C PRO B 344 -10.98 23.00 3.46
N GLY B 345 -12.18 23.39 3.87
CA GLY B 345 -13.26 22.43 4.02
C GLY B 345 -13.33 21.73 5.37
N PHE B 346 -12.52 22.17 6.33
CA PHE B 346 -12.59 21.59 7.66
C PHE B 346 -13.02 22.64 8.65
N SER B 347 -13.70 22.18 9.70
CA SER B 347 -14.28 23.03 10.72
C SER B 347 -14.75 22.10 11.82
N LYS B 348 -14.80 22.60 13.05
CA LYS B 348 -15.33 21.81 14.16
C LYS B 348 -16.85 21.98 14.27
N ASP B 349 -17.42 22.84 13.44
CA ASP B 349 -18.85 23.12 13.53
C ASP B 349 -19.70 22.38 12.48
N ASN B 350 -19.05 21.56 11.66
CA ASN B 350 -19.75 20.64 10.74
C ASN B 350 -18.92 19.38 10.55
N GLU B 351 -19.56 18.31 10.08
CA GLU B 351 -18.88 17.02 9.96
C GLU B 351 -17.74 17.00 8.95
N SER B 352 -17.43 18.17 8.38
CA SER B 352 -16.28 18.33 7.50
C SER B 352 -16.11 17.18 6.50
N LEU B 353 -17.16 16.94 5.71
CA LEU B 353 -17.05 15.96 4.62
C LEU B 353 -16.44 16.65 3.41
N ILE B 354 -15.40 16.05 2.85
CA ILE B 354 -14.65 16.70 1.77
C ILE B 354 -14.74 15.93 0.46
N SER B 355 -14.43 16.64 -0.63
CA SER B 355 -14.33 16.06 -1.95
C SER B 355 -12.91 15.54 -2.21
N ARG B 356 -12.77 14.81 -3.31
CA ARG B 356 -11.47 14.27 -3.67
C ARG B 356 -10.47 15.42 -3.84
N ALA B 357 -10.94 16.50 -4.46
CA ALA B 357 -10.13 17.67 -4.76
C ALA B 357 -9.55 18.29 -3.52
N GLN B 358 -10.42 18.61 -2.57
CA GLN B 358 -9.98 19.17 -1.30
C GLN B 358 -9.03 18.17 -0.64
N PHE B 359 -9.24 16.88 -0.88
CA PHE B 359 -8.33 15.90 -0.31
C PHE B 359 -6.92 16.06 -0.88
N LEU B 360 -6.81 16.25 -2.19
CA LEU B 360 -5.53 16.52 -2.81
C LEU B 360 -4.96 17.85 -2.32
N ALA B 361 -5.81 18.86 -2.28
CA ALA B 361 -5.37 20.17 -1.87
C ALA B 361 -4.75 20.10 -0.48
N GLY B 362 -5.41 19.31 0.37
CA GLY B 362 -5.01 19.21 1.76
C GLY B 362 -3.76 18.39 2.01
N VAL B 363 -3.40 17.52 1.07
CA VAL B 363 -2.20 16.73 1.23
C VAL B 363 -0.95 17.57 1.02
N ARG B 364 -0.99 18.47 0.03
CA ARG B 364 0.13 19.37 -0.23
C ARG B 364 0.40 20.30 0.95
N ILE B 365 -0.51 20.30 1.90
CA ILE B 365 -0.37 21.14 3.08
C ILE B 365 0.20 20.36 4.26
N GLY B 366 -0.35 19.17 4.50
CA GLY B 366 0.10 18.33 5.60
C GLY B 366 1.38 17.60 5.24
N VAL B 367 1.91 17.88 4.06
CA VAL B 367 3.17 17.30 3.67
C VAL B 367 3.84 18.28 2.74
N PRO B 368 4.14 19.47 3.30
CA PRO B 368 4.62 20.69 2.63
C PRO B 368 5.91 20.46 1.85
N GLN B 369 6.66 19.44 2.26
CA GLN B 369 7.98 19.17 1.70
C GLN B 369 7.85 18.23 0.52
N ALA B 370 6.68 17.61 0.39
CA ALA B 370 6.50 16.56 -0.60
C ALA B 370 6.53 17.09 -2.02
N SER B 371 7.32 16.43 -2.87
CA SER B 371 7.30 16.68 -4.30
C SER B 371 5.92 16.38 -4.90
N ASP B 372 5.74 16.73 -6.17
CA ASP B 372 4.47 16.44 -6.84
C ASP B 372 4.23 14.95 -6.73
N LEU B 373 5.25 14.18 -7.11
CA LEU B 373 5.15 12.73 -7.14
C LEU B 373 5.03 12.12 -5.75
N ALA B 374 5.68 12.74 -4.77
CA ALA B 374 5.66 12.24 -3.41
C ALA B 374 4.24 12.36 -2.89
N ALA B 375 3.59 13.45 -3.25
CA ALA B 375 2.23 13.71 -2.82
C ALA B 375 1.29 12.72 -3.49
N GLU B 376 1.45 12.53 -4.79
CA GLU B 376 0.63 11.55 -5.47
C GLU B 376 0.72 10.18 -4.79
N ALA B 377 1.92 9.79 -4.40
CA ALA B 377 2.15 8.53 -3.69
C ALA B 377 1.28 8.44 -2.44
N VAL B 378 1.29 9.52 -1.65
CA VAL B 378 0.47 9.61 -0.46
C VAL B 378 -1.02 9.45 -0.82
N VAL B 379 -1.51 10.29 -1.72
CA VAL B 379 -2.90 10.22 -2.16
C VAL B 379 -3.32 8.79 -2.59
N LEU B 380 -2.49 8.13 -3.38
CA LEU B 380 -2.83 6.80 -3.87
C LEU B 380 -2.86 5.80 -2.72
N HIS B 381 -1.98 6.01 -1.75
CA HIS B 381 -1.86 5.10 -0.63
C HIS B 381 -3.02 5.20 0.34
N TYR B 382 -3.50 6.41 0.57
CA TYR B 382 -4.54 6.60 1.57
C TYR B 382 -5.95 6.59 0.99
N THR B 383 -6.06 6.64 -0.34
CA THR B 383 -7.37 6.52 -0.95
C THR B 383 -7.90 5.11 -0.76
N ASP B 384 -9.17 5.02 -0.40
CA ASP B 384 -9.85 3.74 -0.30
C ASP B 384 -10.44 3.43 -1.66
N TRP B 385 -9.71 2.63 -2.43
CA TRP B 385 -10.10 2.37 -3.81
C TRP B 385 -11.44 1.67 -3.98
N LEU B 386 -12.13 1.41 -2.88
CA LEU B 386 -13.49 0.89 -2.95
C LEU B 386 -14.49 2.04 -2.92
N HIS B 387 -14.07 3.14 -2.31
CA HIS B 387 -14.90 4.31 -2.13
C HIS B 387 -13.97 5.50 -2.25
N PRO B 388 -13.42 5.69 -3.44
CA PRO B 388 -12.37 6.66 -3.72
C PRO B 388 -12.88 8.09 -3.61
N GLU B 389 -14.20 8.26 -3.58
CA GLU B 389 -14.78 9.59 -3.57
C GLU B 389 -15.74 9.78 -2.42
N ASP B 390 -15.81 8.77 -1.56
CA ASP B 390 -16.62 8.84 -0.36
C ASP B 390 -16.09 9.91 0.57
N PRO B 391 -16.88 10.97 0.76
CA PRO B 391 -16.58 12.15 1.58
C PRO B 391 -16.18 11.85 3.04
N THR B 392 -16.78 10.86 3.69
CA THR B 392 -16.38 10.50 5.05
C THR B 392 -15.00 9.85 5.05
N HIS B 393 -14.77 8.91 4.13
CA HIS B 393 -13.47 8.31 4.12
C HIS B 393 -12.41 9.37 3.85
N LEU B 394 -12.68 10.24 2.89
CA LEU B 394 -11.73 11.27 2.48
C LEU B 394 -11.34 12.18 3.65
N ARG B 395 -12.33 12.57 4.42
CA ARG B 395 -12.07 13.35 5.62
C ARG B 395 -11.18 12.58 6.60
N ASP B 396 -11.62 11.41 7.03
CA ASP B 396 -10.85 10.55 7.93
C ASP B 396 -9.43 10.24 7.41
N ALA B 397 -9.28 10.22 6.08
CA ALA B 397 -7.98 9.94 5.46
C ALA B 397 -7.06 11.12 5.69
N MET B 398 -7.57 12.31 5.43
CA MET B 398 -6.83 13.53 5.61
C MET B 398 -6.21 13.60 7.01
N SER B 399 -7.00 13.25 8.04
CA SER B 399 -6.52 13.21 9.41
C SER B 399 -5.37 12.23 9.59
N ALA B 400 -5.61 11.00 9.14
CA ALA B 400 -4.62 9.91 9.19
C ALA B 400 -3.27 10.30 8.59
N VAL B 401 -3.31 10.86 7.39
CA VAL B 401 -2.11 11.35 6.75
C VAL B 401 -1.31 12.25 7.68
N VAL B 402 -1.95 13.32 8.16
CA VAL B 402 -1.33 14.30 9.03
C VAL B 402 -0.87 13.70 10.35
N GLY B 403 -1.63 12.76 10.90
CA GLY B 403 -1.25 12.16 12.16
C GLY B 403 -0.10 11.17 11.97
N ASP B 404 -0.12 10.46 10.86
CA ASP B 404 0.86 9.40 10.60
C ASP B 404 2.17 10.05 10.21
N HIS B 405 2.05 11.07 9.36
CA HIS B 405 3.20 11.83 8.91
C HIS B 405 3.93 12.43 10.10
N ASN B 406 3.22 13.14 10.97
CA ASN B 406 3.88 13.88 12.05
C ASN B 406 4.04 13.15 13.36
N VAL B 407 3.18 12.19 13.67
CA VAL B 407 3.34 11.52 14.95
C VAL B 407 3.53 10.02 14.92
N VAL B 408 2.52 9.31 14.44
CA VAL B 408 2.47 7.86 14.57
C VAL B 408 3.71 7.19 13.99
N CYS B 409 4.12 7.62 12.80
CA CYS B 409 5.20 6.92 12.14
C CYS B 409 6.57 7.29 12.76
N PRO B 410 6.79 8.58 13.04
CA PRO B 410 7.97 8.98 13.80
C PRO B 410 8.11 8.21 15.12
N VAL B 411 7.01 8.08 15.85
CA VAL B 411 7.00 7.29 17.08
C VAL B 411 7.35 5.82 16.82
N ALA B 412 6.78 5.25 15.75
CA ALA B 412 7.03 3.86 15.41
C ALA B 412 8.51 3.70 15.13
N GLN B 413 9.04 4.69 14.43
CA GLN B 413 10.43 4.75 14.07
C GLN B 413 11.33 4.81 15.31
N LEU B 414 10.96 5.63 16.29
CA LEU B 414 11.77 5.75 17.49
C LEU B 414 11.74 4.45 18.31
N ALA B 415 10.55 3.91 18.53
CA ALA B 415 10.39 2.66 19.24
C ALA B 415 11.26 1.60 18.62
N GLY B 416 11.17 1.48 17.31
CA GLY B 416 11.91 0.46 16.61
C GLY B 416 13.39 0.69 16.80
N ARG B 417 13.81 1.93 16.65
CA ARG B 417 15.22 2.26 16.79
C ARG B 417 15.73 1.96 18.19
N LEU B 418 15.02 2.47 19.19
CA LEU B 418 15.41 2.24 20.58
C LEU B 418 15.48 0.76 20.97
N ALA B 419 14.41 0.03 20.67
CA ALA B 419 14.27 -1.37 21.06
C ALA B 419 15.42 -2.18 20.49
N ALA B 420 15.61 -2.02 19.18
CA ALA B 420 16.69 -2.64 18.45
C ALA B 420 18.07 -2.35 19.03
N GLN B 421 18.23 -1.22 19.70
CA GLN B 421 19.56 -0.83 20.15
C GLN B 421 19.73 -0.88 21.68
N GLY B 422 18.94 -1.75 22.32
CA GLY B 422 19.18 -2.09 23.72
C GLY B 422 18.14 -1.55 24.66
N ALA B 423 17.40 -0.54 24.21
CA ALA B 423 16.44 0.13 25.09
C ALA B 423 15.29 -0.80 25.46
N ARG B 424 14.74 -0.59 26.63
CA ARG B 424 13.54 -1.32 27.02
C ARG B 424 12.30 -0.40 26.81
N VAL B 425 11.43 -0.85 25.91
CA VAL B 425 10.35 0.01 25.42
C VAL B 425 8.95 -0.53 25.73
N TYR B 426 8.08 0.34 26.18
CA TYR B 426 6.67 0.05 26.30
C TYR B 426 5.88 1.03 25.43
N ALA B 427 5.01 0.48 24.60
CA ALA B 427 4.24 1.29 23.66
C ALA B 427 2.75 1.15 23.84
N TYR B 428 2.05 2.28 23.80
CA TYR B 428 0.60 2.26 23.93
C TYR B 428 0.02 2.98 22.75
N ILE B 429 -1.28 2.77 22.56
CA ILE B 429 -2.12 3.67 21.78
C ILE B 429 -3.33 3.99 22.64
N PHE B 430 -3.68 5.28 22.72
CA PHE B 430 -4.74 5.72 23.61
C PHE B 430 -6.02 5.91 22.82
N GLU B 431 -7.06 5.14 23.17
CA GLU B 431 -8.25 5.05 22.32
C GLU B 431 -9.57 5.58 22.91
N HIS B 432 -9.52 6.21 24.07
CA HIS B 432 -10.76 6.64 24.71
C HIS B 432 -11.12 8.12 24.53
N ARG B 433 -12.27 8.38 23.94
CA ARG B 433 -12.76 9.76 23.81
C ARG B 433 -13.48 10.27 25.07
N ALA B 434 -12.97 11.35 25.66
CA ALA B 434 -13.57 11.97 26.83
C ALA B 434 -15.07 12.16 26.71
N SER B 435 -15.78 11.82 27.78
CA SER B 435 -17.21 12.02 27.79
C SER B 435 -17.55 13.53 27.67
N THR B 436 -16.73 14.37 28.30
CA THR B 436 -16.97 15.82 28.28
C THR B 436 -16.10 16.57 27.29
N LEU B 437 -15.68 15.89 26.23
CA LEU B 437 -14.83 16.51 25.23
C LEU B 437 -15.73 17.43 24.41
N THR B 438 -15.23 18.63 24.09
CA THR B 438 -16.08 19.64 23.46
C THR B 438 -15.93 19.75 21.94
N TRP B 439 -14.91 19.09 21.40
CA TRP B 439 -14.72 18.99 19.96
C TRP B 439 -15.73 18.05 19.34
N PRO B 440 -15.96 18.17 18.03
CA PRO B 440 -16.98 17.31 17.40
C PRO B 440 -16.55 15.85 17.38
N LEU B 441 -17.51 14.98 17.10
CA LEU B 441 -17.23 13.56 17.15
C LEU B 441 -16.32 13.09 16.03
N TRP B 442 -16.32 13.84 14.94
CA TRP B 442 -15.54 13.42 13.77
C TRP B 442 -14.04 13.49 14.00
N MET B 443 -13.63 14.17 15.07
CA MET B 443 -12.20 14.30 15.37
C MET B 443 -11.72 13.14 16.27
N GLY B 444 -12.66 12.35 16.76
CA GLY B 444 -12.34 11.18 17.56
C GLY B 444 -11.64 11.46 18.88
N VAL B 445 -10.43 10.92 19.01
CA VAL B 445 -9.56 11.17 20.14
C VAL B 445 -8.39 12.03 19.68
N PRO B 446 -8.54 13.36 19.72
CA PRO B 446 -7.57 14.29 19.13
C PRO B 446 -6.18 14.31 19.80
N HIS B 447 -5.26 15.04 19.16
CA HIS B 447 -3.93 15.29 19.70
C HIS B 447 -4.01 16.03 21.04
N GLY B 448 -3.66 15.32 22.11
CA GLY B 448 -3.54 15.95 23.43
C GLY B 448 -4.62 15.62 24.43
N TYR B 449 -5.49 14.68 24.11
CA TYR B 449 -6.58 14.41 25.04
C TYR B 449 -6.45 13.13 25.86
N GLU B 450 -5.24 12.57 25.88
CA GLU B 450 -4.88 11.59 26.90
C GLU B 450 -4.46 12.32 28.18
N ILE B 451 -3.99 13.56 28.04
CA ILE B 451 -3.34 14.24 29.16
C ILE B 451 -4.18 14.31 30.41
N GLU B 452 -5.40 14.80 30.28
CA GLU B 452 -6.30 14.94 31.41
C GLU B 452 -6.42 13.65 32.22
N PHE B 453 -6.37 12.51 31.54
CA PHE B 453 -6.46 11.22 32.21
C PHE B 453 -5.20 10.82 32.99
N ILE B 454 -4.04 10.91 32.34
CA ILE B 454 -2.75 10.75 33.01
C ILE B 454 -2.64 11.63 34.25
N PHE B 455 -3.04 12.89 34.14
CA PHE B 455 -2.92 13.84 35.25
C PHE B 455 -4.01 13.66 36.31
N GLY B 456 -5.01 12.83 35.99
CA GLY B 456 -5.99 12.41 36.99
C GLY B 456 -7.19 13.33 37.16
N LEU B 457 -7.48 14.12 36.13
CA LEU B 457 -8.52 15.13 36.27
C LEU B 457 -9.92 14.59 36.58
N PRO B 458 -10.30 13.47 35.95
CA PRO B 458 -11.63 12.90 36.22
C PRO B 458 -11.94 12.70 37.70
N LEU B 459 -10.93 12.70 38.57
CA LEU B 459 -11.16 12.64 40.02
C LEU B 459 -11.69 13.96 40.56
N ASP B 460 -11.54 15.02 39.77
CA ASP B 460 -12.20 16.27 40.09
C ASP B 460 -13.70 16.09 39.93
N PRO B 461 -14.39 15.91 41.07
CA PRO B 461 -15.81 15.58 41.12
C PRO B 461 -16.66 16.50 40.26
N SER B 462 -16.20 17.76 40.14
CA SER B 462 -16.96 18.81 39.47
C SER B 462 -16.64 18.91 37.97
N LEU B 463 -15.79 18.01 37.47
CA LEU B 463 -15.46 18.00 36.05
C LEU B 463 -16.46 17.13 35.28
N ASN B 464 -17.36 16.52 36.02
CA ASN B 464 -18.49 15.81 35.43
C ASN B 464 -18.13 14.61 34.53
N TYR B 465 -16.95 14.04 34.76
CA TYR B 465 -16.57 12.78 34.13
C TYR B 465 -17.37 11.60 34.74
N THR B 466 -17.62 10.58 33.95
CA THR B 466 -18.26 9.34 34.43
C THR B 466 -17.35 8.51 35.34
N THR B 467 -17.96 7.63 36.14
CA THR B 467 -17.25 6.76 37.08
C THR B 467 -16.24 5.86 36.40
N GLU B 468 -16.68 5.27 35.29
CA GLU B 468 -15.83 4.42 34.47
C GLU B 468 -14.50 5.13 34.20
N GLU B 469 -14.58 6.42 33.90
CA GLU B 469 -13.40 7.21 33.59
C GLU B 469 -12.58 7.49 34.84
N ARG B 470 -13.27 7.75 35.94
CA ARG B 470 -12.55 7.91 37.19
C ARG B 470 -11.68 6.67 37.40
N ILE B 471 -12.27 5.48 37.30
CA ILE B 471 -11.53 4.22 37.44
C ILE B 471 -10.41 4.11 36.41
N PHE B 472 -10.66 4.62 35.21
CA PHE B 472 -9.70 4.56 34.12
C PHE B 472 -8.51 5.48 34.35
N ALA B 473 -8.79 6.70 34.77
CA ALA B 473 -7.73 7.64 35.10
C ALA B 473 -6.82 7.03 36.17
N GLN B 474 -7.43 6.39 37.16
CA GLN B 474 -6.66 5.80 38.25
C GLN B 474 -5.73 4.71 37.73
N ARG B 475 -6.17 4.00 36.69
CA ARG B 475 -5.40 2.91 36.14
C ARG B 475 -4.17 3.45 35.44
N LEU B 476 -4.31 4.60 34.79
CA LEU B 476 -3.18 5.20 34.07
C LEU B 476 -2.16 5.82 35.02
N MET B 477 -2.64 6.45 36.09
CA MET B 477 -1.72 7.11 36.98
C MET B 477 -0.83 6.02 37.57
N LYS B 478 -1.42 4.85 37.78
CA LYS B 478 -0.65 3.69 38.22
C LYS B 478 0.41 3.28 37.20
N TYR B 479 -0.01 2.98 35.99
CA TYR B 479 0.94 2.66 34.91
C TYR B 479 2.09 3.64 34.92
N TRP B 480 1.75 4.91 34.79
CA TRP B 480 2.75 5.97 34.68
C TRP B 480 3.71 5.99 35.87
N THR B 481 3.19 5.87 37.08
CA THR B 481 4.02 5.91 38.29
C THR B 481 4.80 4.61 38.48
N ASN B 482 4.15 3.47 38.25
CA ASN B 482 4.86 2.20 38.32
C ASN B 482 6.02 2.26 37.37
N PHE B 483 5.81 2.96 36.26
CA PHE B 483 6.89 3.15 35.30
C PHE B 483 7.98 4.01 35.96
N ALA B 484 7.62 5.20 36.43
CA ALA B 484 8.56 6.07 37.14
C ALA B 484 9.35 5.30 38.20
N ARG B 485 8.65 4.51 38.99
CA ARG B 485 9.29 3.79 40.08
C ARG B 485 10.25 2.71 39.58
N THR B 486 9.83 1.96 38.57
CA THR B 486 10.46 0.69 38.23
C THR B 486 11.00 0.57 36.82
N GLY B 487 10.58 1.47 35.93
CA GLY B 487 10.86 1.32 34.52
C GLY B 487 9.92 0.34 33.83
N ASP B 488 8.93 -0.14 34.58
CA ASP B 488 7.96 -1.11 34.08
C ASP B 488 6.59 -0.69 34.57
N PRO B 489 5.66 -0.43 33.64
CA PRO B 489 4.34 0.09 34.04
C PRO B 489 3.44 -0.97 34.68
N ASN B 490 3.92 -2.21 34.72
CA ASN B 490 3.11 -3.30 35.24
C ASN B 490 3.08 -3.30 36.75
N ASP B 491 1.88 -3.29 37.30
CA ASP B 491 1.72 -3.48 38.72
C ASP B 491 2.52 -4.73 39.10
N PRO B 492 3.40 -4.63 40.11
CA PRO B 492 4.16 -5.78 40.62
C PRO B 492 3.36 -6.61 41.62
N ARG B 493 2.11 -6.20 41.84
CA ARG B 493 1.15 -6.92 42.69
C ARG B 493 -0.10 -7.34 41.90
N ASP B 494 -0.27 -6.76 40.71
CA ASP B 494 -1.30 -7.21 39.78
C ASP B 494 -0.82 -8.50 39.10
N SER B 495 -1.73 -9.40 38.78
CA SER B 495 -3.17 -9.17 38.81
C SER B 495 -3.61 -8.61 37.46
N LYS B 496 -4.91 -8.59 37.21
CA LYS B 496 -5.44 -8.03 35.97
C LYS B 496 -4.66 -6.75 35.63
N SER B 497 -4.37 -6.54 34.35
CA SER B 497 -4.84 -7.43 33.29
C SER B 497 -3.70 -8.27 32.67
N PRO B 498 -3.87 -8.68 31.39
CA PRO B 498 -2.94 -9.62 30.72
C PRO B 498 -1.46 -9.21 30.76
N GLN B 499 -1.12 -8.14 31.45
CA GLN B 499 0.27 -7.68 31.50
C GLN B 499 0.67 -6.98 30.21
N TRP B 500 1.33 -5.85 30.37
CA TRP B 500 1.79 -5.02 29.28
C TRP B 500 3.18 -5.45 28.85
N PRO B 501 3.31 -5.98 27.64
CA PRO B 501 4.59 -6.51 27.20
C PRO B 501 5.43 -5.42 26.56
N PRO B 502 6.75 -5.58 26.65
CA PRO B 502 7.70 -4.64 26.05
C PRO B 502 7.58 -4.65 24.54
N TYR B 503 7.69 -3.47 23.95
CA TYR B 503 7.80 -3.38 22.50
C TYR B 503 9.15 -3.94 22.01
N THR B 504 9.11 -4.78 20.99
CA THR B 504 10.33 -5.30 20.38
C THR B 504 10.28 -5.16 18.89
N THR B 505 11.37 -5.54 18.22
CA THR B 505 11.42 -5.41 16.78
C THR B 505 10.83 -6.65 16.15
N ALA B 506 11.02 -7.78 16.82
CA ALA B 506 10.43 -9.04 16.36
C ALA B 506 8.90 -8.97 16.45
N ALA B 507 8.38 -8.84 17.67
CA ALA B 507 6.93 -8.95 17.84
C ALA B 507 6.16 -7.61 17.75
N GLN B 508 6.78 -6.52 18.17
CA GLN B 508 6.18 -5.21 17.98
C GLN B 508 4.86 -5.05 18.69
N GLN B 509 4.83 -5.51 19.93
CA GLN B 509 3.65 -5.47 20.77
C GLN B 509 3.48 -4.13 21.45
N TYR B 510 2.28 -3.59 21.35
CA TYR B 510 1.87 -2.43 22.13
C TYR B 510 0.48 -2.75 22.70
N VAL B 511 -0.05 -1.89 23.55
CA VAL B 511 -1.38 -2.11 24.12
C VAL B 511 -2.33 -0.94 23.85
N SER B 512 -3.63 -1.23 23.80
CA SER B 512 -4.63 -0.16 23.68
C SER B 512 -5.06 0.30 25.06
N LEU B 513 -5.08 1.61 25.26
CA LEU B 513 -5.54 2.17 26.52
C LEU B 513 -6.96 2.68 26.33
N ASN B 514 -7.92 1.92 26.86
CA ASN B 514 -9.31 2.27 26.70
C ASN B 514 -10.01 1.79 27.94
N LEU B 515 -11.34 1.78 27.94
CA LEU B 515 -12.07 1.42 29.13
C LEU B 515 -11.96 -0.07 29.46
N LYS B 516 -11.92 -0.91 28.41
CA LYS B 516 -11.73 -2.34 28.60
C LYS B 516 -10.31 -2.58 29.11
N PRO B 517 -10.08 -3.69 29.81
CA PRO B 517 -8.73 -4.01 30.27
C PRO B 517 -7.77 -4.12 29.09
N LEU B 518 -6.47 -4.02 29.35
CA LEU B 518 -5.44 -4.03 28.31
C LEU B 518 -5.62 -5.13 27.29
N GLU B 519 -5.55 -4.75 26.02
CA GLU B 519 -5.45 -5.71 24.94
C GLU B 519 -4.12 -5.48 24.20
N VAL B 520 -3.42 -6.56 23.89
CA VAL B 520 -2.13 -6.50 23.19
C VAL B 520 -2.30 -6.59 21.67
N ARG B 521 -1.75 -5.62 20.95
CA ARG B 521 -1.76 -5.65 19.49
C ARG B 521 -0.33 -5.72 18.95
N ARG B 522 -0.17 -6.21 17.73
CA ARG B 522 1.16 -6.29 17.16
C ARG B 522 1.24 -5.42 15.94
N GLY B 523 2.28 -4.60 15.85
CA GLY B 523 2.50 -3.77 14.69
C GLY B 523 1.79 -2.43 14.75
N LEU B 524 2.60 -1.38 14.82
CA LEU B 524 2.10 -0.03 14.97
C LEU B 524 1.99 0.62 13.60
N ARG B 525 0.84 0.46 12.95
CA ARG B 525 0.70 0.81 11.54
C ARG B 525 1.91 0.37 10.69
N ALA B 526 2.29 -0.89 10.88
CA ALA B 526 3.49 -1.44 10.28
C ALA B 526 3.58 -1.17 8.78
N GLN B 527 2.53 -1.52 8.04
CA GLN B 527 2.51 -1.33 6.58
C GLN B 527 2.53 0.13 6.18
N THR B 528 1.69 0.95 6.83
CA THR B 528 1.61 2.35 6.46
C THR B 528 2.87 3.10 6.88
N CYS B 529 3.46 2.71 8.00
CA CYS B 529 4.66 3.40 8.45
C CYS B 529 5.90 2.95 7.68
N ALA B 530 5.90 1.71 7.21
CA ALA B 530 6.90 1.29 6.22
C ALA B 530 6.97 2.27 5.05
N PHE B 531 5.80 2.65 4.54
CA PHE B 531 5.69 3.63 3.46
C PHE B 531 6.29 4.99 3.83
N TRP B 532 6.01 5.46 5.04
CA TRP B 532 6.55 6.75 5.48
C TRP B 532 8.00 6.65 5.87
N ASN B 533 8.34 5.60 6.60
CA ASN B 533 9.68 5.48 7.16
C ASN B 533 10.69 4.85 6.23
N ARG B 534 10.21 4.11 5.24
CA ARG B 534 11.12 3.39 4.36
C ARG B 534 11.09 3.81 2.90
N PHE B 535 9.90 4.05 2.36
CA PHE B 535 9.82 4.34 0.94
C PHE B 535 9.90 5.81 0.56
N LEU B 536 9.03 6.63 1.13
CA LEU B 536 9.01 8.06 0.81
C LEU B 536 10.38 8.74 0.77
N PRO B 537 11.28 8.38 1.70
CA PRO B 537 12.62 9.01 1.71
C PRO B 537 13.38 8.72 0.42
N LYS B 538 13.32 7.48 -0.05
CA LYS B 538 13.89 7.12 -1.34
C LYS B 538 13.30 8.04 -2.40
N LEU B 539 11.99 8.21 -2.35
CA LEU B 539 11.26 9.00 -3.32
C LEU B 539 11.75 10.44 -3.42
N LEU B 540 12.36 10.94 -2.35
CA LEU B 540 12.85 12.31 -2.38
C LEU B 540 14.37 12.37 -2.45
N SER B 541 15.02 11.24 -2.14
CA SER B 541 16.47 11.13 -2.27
C SER B 541 16.87 10.81 -3.71
C1 NAG C . -8.29 -43.74 -11.97
C2 NAG C . -6.90 -44.02 -12.58
C3 NAG C . -6.59 -45.50 -12.81
C4 NAG C . -6.84 -46.27 -11.53
C5 NAG C . -8.27 -46.04 -11.07
C6 NAG C . -8.51 -46.76 -9.74
C7 NAG C . -6.28 -42.03 -13.81
C8 NAG C . -6.57 -41.18 -15.02
N2 NAG C . -6.73 -43.28 -13.82
O3 NAG C . -5.25 -45.71 -13.21
O4 NAG C . -6.56 -47.64 -11.76
O5 NAG C . -8.58 -44.65 -10.90
O6 NAG C . -9.80 -46.50 -9.22
O7 NAG C . -5.67 -41.56 -12.85
O3 P3G D . -5.89 4.80 5.21
C7 P3G D . -4.97 3.92 4.68
C8 P3G D . -5.36 3.12 3.47
O4 P3G D . -6.29 2.10 3.62
C9 P3G D . -6.99 1.63 2.54
C10 P3G D . -8.02 0.58 2.80
O5 P3G D . -7.68 -0.42 3.67
C11 P3G D . -8.68 -1.10 4.36
C12 P3G D . -8.33 -2.43 4.95
O3 P3G E . -1.41 -8.67 -2.14
C7 P3G E . -0.77 -8.65 -0.91
C8 P3G E . -0.16 -7.38 -0.44
O4 P3G E . -0.40 -7.02 0.88
C9 P3G E . 0.48 -6.24 1.58
C10 P3G E . 1.37 -6.93 2.57
O5 P3G E . 0.80 -7.84 3.46
C11 P3G E . 0.37 -7.40 4.70
C12 P3G E . -0.74 -8.14 5.39
S SO4 F . -15.14 -39.21 -23.10
O1 SO4 F . -13.86 -38.63 -23.48
O2 SO4 F . -15.64 -38.51 -21.92
O3 SO4 F . -16.11 -39.03 -24.18
O4 SO4 F . -15.00 -40.64 -22.83
C5 P3G G . 1.02 5.39 -32.42
C6 P3G G . 1.13 3.91 -32.82
O3 P3G G . 2.31 3.46 -33.41
C7 P3G G . 2.32 3.08 -34.75
C8 P3G G . 3.66 2.92 -35.44
O4 P3G G . 3.75 3.35 -36.78
O01 Z5K H . 2.87 -19.52 -21.17
S02 Z5K H . 2.92 -20.63 -20.28
N03 Z5K H . 2.63 -22.10 -21.10
C04 Z5K H . 2.10 -23.13 -20.20
C05 Z5K H . 0.65 -23.50 -20.41
N06 Z5K H . -0.37 -22.59 -19.85
C07 Z5K H . -0.90 -23.03 -18.54
C08 Z5K H . -0.25 -22.45 -17.32
C09 Z5K H . -1.42 -22.25 -20.80
C10 Z5K H . -1.36 -20.86 -21.36
C11 Z5K H . 4.42 -20.72 -19.38
C12 Z5K H . 5.58 -20.07 -19.83
C13 Z5K H . 6.76 -20.14 -19.08
C14 Z5K H . 8.03 -19.44 -19.53
F15 Z5K H . 8.91 -20.39 -19.88
F16 Z5K H . 8.51 -18.65 -18.55
F17 Z5K H . 7.76 -18.68 -20.59
C18 Z5K H . 6.79 -20.89 -17.89
C19 Z5K H . 5.64 -21.54 -17.45
C20 Z5K H . 4.45 -21.46 -18.19
O21 Z5K H . 1.86 -20.25 -19.39
O3 P3G I . 27.80 16.50 11.24
C7 P3G I . 27.49 17.69 11.93
C8 P3G I . 26.04 18.18 11.95
O4 P3G I . 25.75 19.40 12.60
C9 P3G I . 26.66 20.47 12.52
C10 P3G I . 26.15 21.90 12.36
O5 P3G I . 27.07 22.94 12.58
O01 Z5K J . 0.42 23.26 19.28
S02 Z5K J . -0.66 22.45 18.83
N03 Z5K J . -1.96 22.41 19.90
C04 Z5K J . -1.78 23.22 21.08
C05 Z5K J . -1.50 22.36 22.28
N06 Z5K J . -1.78 20.93 22.07
C07 Z5K J . -3.23 20.74 21.97
C08 Z5K J . -3.70 19.46 21.35
C09 Z5K J . -1.16 20.02 23.05
C10 Z5K J . -0.30 20.62 24.14
C11 Z5K J . -1.50 23.07 17.41
C12 Z5K J . -1.11 24.26 16.76
C13 Z5K J . -1.83 24.74 15.64
C14 Z5K J . -1.43 26.00 14.89
F15 Z5K J . -2.19 27.04 15.32
F16 Z5K J . -1.61 25.84 13.58
F17 Z5K J . -0.15 26.28 15.08
C18 Z5K J . -2.96 24.02 15.19
C19 Z5K J . -3.36 22.85 15.84
C20 Z5K J . -2.64 22.38 16.95
O21 Z5K J . 0.01 21.17 18.74
S SO4 K . -10.10 19.48 43.15
O1 SO4 K . -9.51 20.61 42.41
O2 SO4 K . -11.15 19.94 44.06
O3 SO4 K . -10.68 18.55 42.17
O4 SO4 K . -9.06 18.79 43.91
O01 Z5K L . -8.88 27.06 31.87
S02 Z5K L . -10.03 26.86 31.02
N03 Z5K L . -11.06 25.60 31.51
C04 Z5K L . -10.64 24.97 32.76
C05 Z5K L . -10.03 23.59 32.69
N06 Z5K L . -10.63 22.63 31.74
C07 Z5K L . -11.92 22.07 32.15
C08 Z5K L . -12.19 21.82 33.61
C09 Z5K L . -9.67 21.57 31.42
C10 Z5K L . -9.07 20.77 32.54
C11 Z5K L . -10.92 28.35 30.79
C12 Z5K L . -11.85 28.39 29.76
C13 Z5K L . -12.59 29.55 29.51
C14 Z5K L . -13.60 29.55 28.38
F15 Z5K L . -14.66 28.81 28.73
F16 Z5K L . -13.07 29.00 27.30
F17 Z5K L . -13.98 30.79 28.10
C18 Z5K L . -12.36 30.69 30.32
C19 Z5K L . -11.42 30.66 31.36
C20 Z5K L . -10.68 29.48 31.60
O21 Z5K L . -9.38 26.51 29.78
C3 P6G M . 1.59 -0.82 1.51
O4 P6G M . 2.47 0.26 1.42
C5 P6G M . 3.83 0.03 1.18
C6 P6G M . 4.66 1.07 0.45
O7 P6G M . 4.71 0.99 -0.93
C8 P6G M . 5.32 2.00 -1.64
C9 P6G M . 4.62 2.50 -2.86
O10 P6G M . 3.60 3.41 -2.69
C11 P6G M . 2.47 3.19 -3.44
C12 P6G M . 1.24 3.99 -3.18
O13 P6G M . 0.13 3.57 -3.89
C14 P6G M . -0.97 3.08 -3.21
C15 P6G M . -0.83 1.78 -2.49
O16 P6G M . -1.93 1.21 -1.93
C17 P6G M . -1.81 0.41 -0.80
C18 P6G M . -1.99 0.95 0.58
O19 P6G M . -3.25 1.30 1.04
#